data_4OM9
#
_entry.id   4OM9
#
_cell.length_a   77.758
_cell.length_b   95.926
_cell.length_c   164.869
_cell.angle_alpha   90.00
_cell.angle_beta   90.00
_cell.angle_gamma   90.00
#
_symmetry.space_group_name_H-M   'P 21 21 21'
#
loop_
_entity.id
_entity.type
_entity.pdbx_description
1 polymer 'Serine protease pet'
2 water water
#
_entity_poly.entity_id   1
_entity_poly.type   'polypeptide(L)'
_entity_poly.pdbx_seq_one_letter_code
;ANMDISKAWARDYLDLAQNKGVFQPGSTHVKIKLKDGTDFSFPALPVPDFSSATANGAATSIGGAYAVTVAHNAKNKSSA
NYQTYGSTQYTQINRMTTGNDFSIQRLNKYVVETRGADTSFNYNENNQNIIDRYGVDVGNGKKEIIGFRVGSGNTTFSGI
KTSQTYQADLLSASLFHITNLRANTVGGNKVEYENDSYFTNLTTNGDSGSGVYVFDNKEDKWVLLGTTHGIIGNGKTQKT
YVTPFDSKTTNELKQLFIQNVNIDNNTATIGGGKITIGNTTQDIEKNKNNQNKDLVFSGGGKISLKENLDLGYGGFIFDE
NKKYTVSAEGNNNVTFKGAGIDIGKGSTVDWNIKYASNDALHKIGEGSLNVIQAQNTNLKTGNGTVILGAQKTFNNIYVA
GGPGTVQLNAENALGEGDYAGIFFTENGGKLDLNGHNQTFKKIAATDSGTTITNSNTTKESVLSVNNQNNYIYHGNVDGN
VRLEHHLDTKQDNARLILDGDIQANSISIKNAPLVMQGHATDHAIFRTTKTNNCPEFLCGVDWVTRIKNAENSVNQKNKT
TYKSNNQVSDLSQPDWETRKFRFDNLNIEDSSLSIARNADVEGNIQAKNSVINIGDKTAYIDLYSGKNITGAGFTFRQDI
KSGDSIGESKFTGGIMATDGSISIGDKAIVTLNTVSSLDRTALTIHKGANVTASSSLFTTSNIKSGGDLTLTGATESTGE
ITPSMFYAAGGYELTEDGANFTAKNQASVTGDIKSEKAAKLSFGSADKDNSATRYSQFALAMLDGFDTSYQGSIKAAQSS
LAMNNALWKVTGNSELKKLNSTGSMVLFNGGKNIFNTLTVDELTTSNSAFVMRTNTQQADQLIVKNKLEGANNLLLVDFI
EKKGNDKNGLNIDLVKAPENTSKDVFKTETQTIGFSDVTPEIKQQEKDGKSVWTLTGYKTVANADAAKKATSLMSGGYKA
FLAEVN
;
_entity_poly.pdbx_strand_id   A
#
# COMPACT_ATOMS: atom_id res chain seq x y z
N MET A 3 18.37 -21.02 -20.05
CA MET A 3 17.75 -21.08 -18.73
C MET A 3 17.13 -22.45 -18.42
N ASP A 4 17.43 -22.96 -17.23
CA ASP A 4 16.87 -24.23 -16.80
C ASP A 4 15.65 -24.03 -15.89
N ILE A 5 14.48 -24.41 -16.39
CA ILE A 5 13.25 -24.24 -15.63
C ILE A 5 12.70 -25.55 -15.06
N SER A 6 13.59 -26.50 -14.80
CA SER A 6 13.18 -27.79 -14.22
C SER A 6 12.81 -27.60 -12.76
N LYS A 7 13.54 -26.70 -12.10
CA LYS A 7 13.24 -26.36 -10.72
C LYS A 7 12.50 -25.03 -10.67
N ALA A 8 13.14 -24.00 -11.22
CA ALA A 8 12.66 -22.64 -11.10
C ALA A 8 11.63 -22.34 -12.17
N TRP A 9 10.73 -21.40 -11.88
CA TRP A 9 9.84 -20.91 -12.92
C TRP A 9 10.58 -20.01 -13.91
N ALA A 10 10.13 -20.05 -15.16
CA ALA A 10 10.75 -19.29 -16.22
C ALA A 10 10.75 -17.79 -15.87
N ARG A 11 9.64 -17.34 -15.28
CA ARG A 11 9.42 -15.93 -14.97
C ARG A 11 10.37 -15.48 -13.86
N ASP A 12 10.89 -16.45 -13.11
CA ASP A 12 11.79 -16.14 -12.00
C ASP A 12 13.11 -15.50 -12.44
N TYR A 13 13.69 -16.02 -13.53
CA TYR A 13 14.91 -15.44 -14.05
C TYR A 13 14.69 -14.01 -14.52
N LEU A 14 13.52 -13.76 -15.09
CA LEU A 14 13.13 -12.46 -15.62
C LEU A 14 12.84 -11.46 -14.51
N ASP A 15 12.12 -11.91 -13.48
CA ASP A 15 11.80 -11.07 -12.32
C ASP A 15 13.09 -10.52 -11.70
N LEU A 16 14.10 -11.38 -11.60
CA LEU A 16 15.35 -11.00 -10.97
C LEU A 16 16.09 -9.96 -11.81
N ALA A 17 16.12 -10.16 -13.12
CA ALA A 17 16.89 -9.26 -13.98
C ALA A 17 16.21 -7.91 -14.06
N GLN A 18 14.89 -7.88 -13.90
CA GLN A 18 14.15 -6.67 -14.17
C GLN A 18 13.68 -6.04 -12.87
N ASN A 19 14.22 -6.55 -11.76
CA ASN A 19 13.89 -6.06 -10.42
C ASN A 19 12.36 -6.02 -10.19
N LYS A 20 11.71 -7.12 -10.55
CA LYS A 20 10.29 -7.30 -10.38
C LYS A 20 9.97 -8.33 -9.29
N GLY A 21 8.73 -8.32 -8.80
CA GLY A 21 8.27 -9.31 -7.84
C GLY A 21 8.99 -9.26 -6.50
N VAL A 22 9.65 -10.35 -6.12
CA VAL A 22 10.38 -10.37 -4.86
C VAL A 22 11.77 -9.78 -4.96
N PHE A 23 12.17 -9.42 -6.18
CA PHE A 23 13.56 -9.02 -6.42
C PHE A 23 13.71 -7.51 -6.55
N GLN A 24 12.98 -6.78 -5.71
CA GLN A 24 13.16 -5.35 -5.57
C GLN A 24 14.59 -5.05 -5.17
N PRO A 25 15.14 -3.93 -5.66
CA PRO A 25 16.51 -3.53 -5.34
C PRO A 25 16.74 -3.47 -3.84
N GLY A 26 17.79 -4.13 -3.34
CA GLY A 26 18.14 -4.08 -1.94
C GLY A 26 17.47 -5.15 -1.08
N SER A 27 16.57 -5.94 -1.68
CA SER A 27 15.91 -7.01 -0.95
C SER A 27 16.91 -8.06 -0.44
N THR A 28 16.92 -8.27 0.87
CA THR A 28 17.76 -9.30 1.46
C THR A 28 16.96 -10.57 1.74
N HIS A 29 17.67 -11.69 1.93
CA HIS A 29 17.07 -12.95 2.36
C HIS A 29 15.97 -13.43 1.44
N VAL A 30 16.23 -13.35 0.14
CA VAL A 30 15.23 -13.71 -0.85
C VAL A 30 15.26 -15.21 -1.12
N LYS A 31 14.11 -15.85 -1.10
CA LYS A 31 14.02 -17.23 -1.54
C LYS A 31 12.83 -17.39 -2.48
N ILE A 32 12.91 -18.38 -3.35
CA ILE A 32 11.84 -18.69 -4.28
C ILE A 32 11.46 -20.16 -4.18
N LYS A 33 10.17 -20.44 -4.26
CA LYS A 33 9.66 -21.80 -4.35
C LYS A 33 10.04 -22.45 -5.69
N LEU A 34 10.38 -23.73 -5.65
CA LEU A 34 10.67 -24.49 -6.85
C LEU A 34 9.60 -25.55 -7.08
N LYS A 35 9.60 -26.13 -8.27
CA LYS A 35 8.57 -27.06 -8.70
C LYS A 35 8.62 -28.46 -8.06
N ASP A 39 12.26 -22.96 -0.96
CA ASP A 39 12.96 -24.13 -1.48
C ASP A 39 14.35 -23.68 -2.02
N PHE A 40 14.42 -22.61 -2.80
CA PHE A 40 15.74 -22.06 -3.17
C PHE A 40 16.07 -20.71 -2.54
N SER A 41 17.13 -20.68 -1.74
CA SER A 41 17.57 -19.44 -1.13
C SER A 41 18.72 -18.80 -1.90
N PHE A 42 18.47 -17.58 -2.35
CA PHE A 42 19.51 -16.76 -2.92
C PHE A 42 20.50 -16.37 -1.83
N PRO A 43 21.72 -15.94 -2.20
CA PRO A 43 22.74 -15.63 -1.20
C PRO A 43 22.39 -14.46 -0.29
N ALA A 44 22.98 -14.43 0.90
CA ALA A 44 22.70 -13.39 1.86
C ALA A 44 23.32 -12.07 1.41
N LEU A 45 22.71 -11.46 0.41
CA LEU A 45 23.10 -10.16 -0.10
C LEU A 45 21.85 -9.39 -0.50
N PRO A 46 21.94 -8.06 -0.60
CA PRO A 46 20.81 -7.34 -1.20
C PRO A 46 20.73 -7.64 -2.69
N VAL A 47 19.53 -7.67 -3.25
CA VAL A 47 19.39 -7.79 -4.69
C VAL A 47 19.99 -6.56 -5.36
N PRO A 48 20.78 -6.77 -6.43
CA PRO A 48 21.34 -5.63 -7.16
C PRO A 48 20.25 -4.75 -7.76
N ASP A 49 20.60 -3.50 -8.07
CA ASP A 49 19.77 -2.68 -8.92
C ASP A 49 20.31 -2.86 -10.34
N PHE A 50 19.52 -3.50 -11.17
CA PHE A 50 19.94 -3.72 -12.55
C PHE A 50 19.53 -2.61 -13.54
N SER A 51 19.13 -1.45 -13.07
CA SER A 51 18.63 -0.45 -14.01
C SER A 51 19.74 0.23 -14.85
N SER A 52 21.02 -0.02 -14.57
CA SER A 52 22.09 0.54 -15.43
C SER A 52 22.29 -0.27 -16.72
N ALA A 53 21.69 -1.45 -16.78
CA ALA A 53 21.73 -2.28 -17.99
C ALA A 53 20.93 -1.65 -19.13
N THR A 54 21.46 -1.74 -20.35
CA THR A 54 20.68 -1.42 -21.53
C THR A 54 19.47 -2.36 -21.63
N ALA A 55 18.39 -1.87 -22.23
CA ALA A 55 17.19 -2.66 -22.50
C ALA A 55 17.53 -4.02 -23.08
N ASN A 56 18.49 -4.06 -24.00
CA ASN A 56 18.82 -5.32 -24.65
C ASN A 56 19.92 -6.08 -23.90
N GLY A 57 20.42 -5.49 -22.82
CA GLY A 57 21.41 -6.14 -21.99
C GLY A 57 22.86 -6.10 -22.44
N ALA A 58 23.14 -5.67 -23.67
CA ALA A 58 24.48 -5.85 -24.19
C ALA A 58 25.46 -4.78 -23.68
N ALA A 59 24.98 -3.76 -23.00
CA ALA A 59 25.89 -2.80 -22.42
C ALA A 59 25.36 -2.31 -21.08
N THR A 60 26.21 -1.60 -20.35
CA THR A 60 25.89 -1.08 -19.03
C THR A 60 26.26 0.40 -18.86
N SER A 61 25.29 1.22 -18.47
CA SER A 61 25.56 2.63 -18.22
C SER A 61 26.49 2.82 -17.04
N ILE A 62 27.37 3.80 -17.16
CA ILE A 62 28.39 4.05 -16.16
C ILE A 62 28.17 5.49 -15.66
N GLY A 63 27.02 6.03 -16.04
CA GLY A 63 26.61 7.38 -15.64
C GLY A 63 26.96 8.40 -16.70
N GLY A 64 26.07 9.37 -16.85
CA GLY A 64 26.28 10.50 -17.75
C GLY A 64 26.23 10.03 -19.18
N ALA A 65 27.22 10.43 -19.97
CA ALA A 65 27.24 10.02 -21.36
C ALA A 65 28.02 8.73 -21.60
N TYR A 66 28.37 8.01 -20.54
CA TYR A 66 29.26 6.85 -20.69
C TYR A 66 28.65 5.48 -20.37
N ALA A 67 29.15 4.50 -21.08
CA ALA A 67 28.71 3.12 -20.98
C ALA A 67 29.89 2.20 -21.27
N VAL A 68 29.77 0.97 -20.82
CA VAL A 68 30.83 -0.02 -20.92
C VAL A 68 30.28 -1.29 -21.51
N THR A 69 31.05 -1.91 -22.38
CA THR A 69 30.65 -3.15 -23.02
C THR A 69 31.90 -3.96 -23.43
N VAL A 70 31.77 -4.76 -24.47
CA VAL A 70 32.92 -5.50 -24.93
C VAL A 70 33.23 -5.01 -26.34
N ALA A 71 34.48 -5.18 -26.78
CA ALA A 71 34.97 -4.58 -28.03
C ALA A 71 34.44 -5.27 -29.28
N HIS A 72 34.42 -6.60 -29.30
CA HIS A 72 34.01 -7.33 -30.49
C HIS A 72 32.49 -7.36 -30.61
N ASN A 73 31.81 -6.56 -29.79
CA ASN A 73 30.39 -6.30 -29.96
C ASN A 73 30.15 -5.25 -31.03
N ALA A 74 31.24 -4.68 -31.55
CA ALA A 74 31.16 -3.75 -32.66
C ALA A 74 30.71 -4.50 -33.91
N LYS A 75 31.23 -5.71 -34.09
CA LYS A 75 30.85 -6.57 -35.21
C LYS A 75 29.39 -7.00 -35.14
N ASN A 76 28.91 -7.23 -33.92
CA ASN A 76 27.52 -7.58 -33.68
C ASN A 76 26.59 -6.53 -34.26
N LYS A 77 25.38 -6.95 -34.65
CA LYS A 77 24.37 -6.05 -35.18
C LYS A 77 24.14 -4.92 -34.19
N SER A 78 25.05 -3.95 -34.20
CA SER A 78 25.18 -2.98 -33.12
C SER A 78 25.32 -3.70 -31.79
N SER A 79 24.21 -4.28 -31.31
CA SER A 79 24.10 -4.86 -29.98
C SER A 79 24.37 -3.81 -28.88
N ALA A 80 25.42 -3.00 -29.07
CA ALA A 80 25.81 -2.01 -28.09
C ALA A 80 26.08 -0.61 -28.69
N ASN A 81 26.05 -0.48 -30.02
CA ASN A 81 26.19 0.84 -30.64
C ASN A 81 24.91 1.69 -30.50
N TYR A 82 23.77 1.03 -30.32
CA TYR A 82 22.48 1.69 -30.19
C TYR A 82 21.85 1.26 -28.86
N GLN A 83 21.74 2.20 -27.93
CA GLN A 83 21.33 1.86 -26.58
C GLN A 83 20.02 2.51 -26.21
N THR A 84 19.16 1.71 -25.59
CA THR A 84 17.89 2.18 -25.09
C THR A 84 17.84 2.08 -23.58
N TYR A 85 17.53 3.20 -22.94
CA TYR A 85 17.16 3.19 -21.54
C TYR A 85 15.80 3.88 -21.44
N GLY A 86 14.84 3.23 -20.79
CA GLY A 86 13.47 3.71 -20.77
C GLY A 86 12.96 4.05 -22.15
N SER A 87 12.45 5.27 -22.31
CA SER A 87 11.89 5.73 -23.58
C SER A 87 12.90 6.47 -24.41
N THR A 88 14.19 6.30 -24.12
CA THR A 88 15.20 7.11 -24.80
C THR A 88 16.24 6.27 -25.51
N GLN A 89 16.58 6.68 -26.72
CA GLN A 89 17.60 6.03 -27.55
C GLN A 89 18.92 6.78 -27.50
N TYR A 90 20.01 6.06 -27.34
CA TYR A 90 21.31 6.68 -27.28
C TYR A 90 22.25 6.01 -28.29
N THR A 91 23.17 6.79 -28.82
CA THR A 91 24.06 6.29 -29.85
C THR A 91 25.51 6.45 -29.41
N GLN A 92 26.30 5.39 -29.52
CA GLN A 92 27.74 5.46 -29.30
C GLN A 92 28.36 6.37 -30.37
N ILE A 93 29.09 7.41 -29.96
CA ILE A 93 29.72 8.25 -30.97
C ILE A 93 31.22 8.25 -30.81
N ASN A 94 31.71 7.58 -29.78
CA ASN A 94 33.16 7.35 -29.64
C ASN A 94 33.40 6.21 -28.67
N ARG A 95 34.64 5.70 -28.69
CA ARG A 95 35.01 4.62 -27.79
C ARG A 95 36.51 4.38 -27.77
N MET A 96 36.94 3.70 -26.72
CA MET A 96 38.29 3.19 -26.61
C MET A 96 38.21 1.71 -26.24
N THR A 97 39.25 1.00 -26.66
CA THR A 97 39.18 -0.43 -26.82
C THR A 97 40.53 -0.98 -26.46
N THR A 98 40.54 -2.16 -25.83
CA THR A 98 41.73 -2.68 -25.21
C THR A 98 41.95 -4.10 -25.68
N GLY A 99 43.20 -4.56 -25.73
CA GLY A 99 43.52 -5.91 -26.19
C GLY A 99 42.77 -7.00 -25.43
N ASN A 100 42.42 -6.70 -24.18
CA ASN A 100 41.64 -7.59 -23.36
C ASN A 100 40.11 -7.49 -23.64
N ASP A 101 39.75 -6.76 -24.71
CA ASP A 101 38.39 -6.73 -25.27
C ASP A 101 37.51 -5.74 -24.50
N PHE A 102 38.15 -4.85 -23.75
CA PHE A 102 37.41 -3.88 -22.98
C PHE A 102 36.96 -2.73 -23.90
N SER A 103 35.77 -2.20 -23.63
CA SER A 103 35.27 -1.07 -24.39
C SER A 103 34.56 -0.05 -23.49
N ILE A 104 35.08 1.18 -23.47
CA ILE A 104 34.43 2.32 -22.85
C ILE A 104 33.87 3.22 -23.94
N GLN A 105 32.58 3.50 -23.80
CA GLN A 105 31.80 4.15 -24.83
C GLN A 105 31.37 5.55 -24.41
N ARG A 106 31.38 6.46 -25.39
CA ARG A 106 30.77 7.77 -25.22
C ARG A 106 29.47 7.80 -26.02
N LEU A 107 28.36 8.04 -25.34
CA LEU A 107 27.08 8.12 -26.00
C LEU A 107 26.81 9.55 -26.46
N ASN A 108 25.99 9.71 -27.50
CA ASN A 108 25.69 11.03 -28.06
C ASN A 108 25.02 12.02 -27.07
N LYS A 109 24.28 11.52 -26.08
CA LYS A 109 23.61 12.36 -25.08
C LYS A 109 23.72 11.81 -23.65
N TYR A 110 23.49 12.67 -22.66
CA TYR A 110 23.55 12.22 -21.26
C TYR A 110 22.40 11.28 -20.96
N VAL A 111 22.70 10.17 -20.31
CA VAL A 111 21.64 9.23 -19.95
C VAL A 111 20.79 9.74 -18.79
N VAL A 112 19.49 9.85 -19.04
CA VAL A 112 18.59 10.40 -18.05
C VAL A 112 18.05 9.32 -17.10
N GLU A 113 17.94 8.08 -17.58
CA GLU A 113 17.21 7.01 -16.83
C GLU A 113 17.93 6.40 -15.63
N THR A 114 19.26 6.35 -15.67
CA THR A 114 20.00 5.70 -14.58
C THR A 114 21.24 6.50 -14.25
N ARG A 115 21.70 6.42 -13.00
CA ARG A 115 22.92 7.12 -12.63
C ARG A 115 24.15 6.26 -12.95
N GLY A 116 23.91 5.05 -13.43
CA GLY A 116 24.96 4.18 -13.91
C GLY A 116 25.52 3.23 -12.86
N ALA A 117 26.31 2.25 -13.28
CA ALA A 117 26.84 1.30 -12.31
C ALA A 117 28.07 1.87 -11.62
N ASP A 118 28.33 1.41 -10.38
CA ASP A 118 29.54 1.79 -9.65
C ASP A 118 30.77 1.16 -10.31
N THR A 119 31.81 1.96 -10.52
CA THR A 119 33.01 1.54 -11.24
C THR A 119 34.25 1.42 -10.35
N SER A 120 34.08 1.08 -9.08
CA SER A 120 35.22 1.03 -8.17
C SER A 120 35.92 -0.35 -8.09
N PHE A 121 35.71 -1.22 -9.07
CA PHE A 121 36.42 -2.49 -9.06
C PHE A 121 37.88 -2.33 -9.51
N ASN A 122 38.81 -2.83 -8.69
CA ASN A 122 40.23 -2.72 -9.00
C ASN A 122 40.89 -4.07 -9.22
N TYR A 123 40.96 -4.48 -10.48
CA TYR A 123 41.51 -5.78 -10.84
C TYR A 123 42.98 -5.95 -10.44
N ASN A 124 43.66 -4.86 -10.13
CA ASN A 124 45.09 -4.88 -9.85
C ASN A 124 45.43 -5.08 -8.39
N GLU A 125 44.42 -5.29 -7.56
CA GLU A 125 44.62 -5.69 -6.18
C GLU A 125 44.99 -7.15 -6.21
N ASN A 126 45.73 -7.63 -5.23
CA ASN A 126 46.08 -9.05 -5.21
C ASN A 126 44.85 -9.91 -4.88
N ASN A 127 44.94 -11.20 -5.19
CA ASN A 127 43.83 -12.12 -5.05
C ASN A 127 43.19 -12.15 -3.66
N GLN A 128 44.01 -12.14 -2.61
CA GLN A 128 43.47 -12.18 -1.25
C GLN A 128 42.63 -10.92 -0.93
N ASN A 129 43.07 -9.76 -1.39
CA ASN A 129 42.38 -8.50 -1.13
C ASN A 129 41.01 -8.47 -1.81
N ILE A 130 40.96 -8.96 -3.03
CA ILE A 130 39.73 -9.03 -3.79
C ILE A 130 38.74 -10.02 -3.15
N ILE A 131 39.27 -11.15 -2.67
CA ILE A 131 38.47 -12.16 -2.01
C ILE A 131 37.85 -11.60 -0.74
N ASP A 132 38.64 -10.92 0.08
CA ASP A 132 38.16 -10.33 1.32
C ASP A 132 37.16 -9.18 1.07
N ARG A 133 37.33 -8.41 -0.01
CA ARG A 133 36.44 -7.30 -0.30
C ARG A 133 35.11 -7.74 -0.92
N TYR A 134 35.14 -8.80 -1.73
CA TYR A 134 33.95 -9.19 -2.46
C TYR A 134 33.47 -10.62 -2.17
N GLY A 135 34.12 -11.29 -1.22
CA GLY A 135 33.74 -12.65 -0.86
C GLY A 135 32.46 -12.75 -0.07
N VAL A 136 31.75 -13.85 -0.27
CA VAL A 136 30.46 -14.08 0.37
C VAL A 136 30.53 -15.35 1.21
N ASP A 137 29.99 -15.30 2.42
CA ASP A 137 29.98 -16.49 3.27
C ASP A 137 28.93 -17.47 2.76
N VAL A 138 29.33 -18.72 2.56
CA VAL A 138 28.38 -19.73 2.11
C VAL A 138 28.34 -20.89 3.11
N GLY A 139 29.00 -20.71 4.25
CA GLY A 139 28.99 -21.71 5.30
C GLY A 139 30.26 -21.77 6.13
N ASN A 140 30.08 -21.60 7.45
CA ASN A 140 31.15 -21.76 8.43
C ASN A 140 32.33 -20.78 8.26
N GLY A 141 32.13 -19.73 7.47
CA GLY A 141 33.17 -18.74 7.24
C GLY A 141 33.86 -18.92 5.89
N LYS A 142 33.35 -19.86 5.09
CA LYS A 142 33.89 -20.13 3.77
C LYS A 142 33.44 -19.06 2.79
N LYS A 143 34.41 -18.31 2.27
CA LYS A 143 34.15 -17.24 1.33
C LYS A 143 34.23 -17.70 -0.13
N GLU A 144 33.23 -17.31 -0.91
CA GLU A 144 33.22 -17.43 -2.36
C GLU A 144 32.79 -16.08 -2.94
N ILE A 145 33.33 -15.70 -4.09
CA ILE A 145 32.86 -14.49 -4.75
C ILE A 145 31.67 -14.86 -5.61
N ILE A 146 30.50 -14.39 -5.17
CA ILE A 146 29.23 -14.65 -5.81
C ILE A 146 28.77 -13.38 -6.49
N GLY A 147 28.10 -13.50 -7.62
CA GLY A 147 27.62 -12.31 -8.29
C GLY A 147 26.50 -12.60 -9.23
N PHE A 148 26.01 -11.53 -9.86
CA PHE A 148 24.86 -11.57 -10.75
C PHE A 148 25.23 -10.99 -12.09
N ARG A 149 24.60 -11.51 -13.13
CA ARG A 149 24.77 -10.95 -14.45
C ARG A 149 23.43 -10.91 -15.13
N VAL A 150 23.20 -9.86 -15.89
CA VAL A 150 21.92 -9.66 -16.53
C VAL A 150 22.12 -9.41 -18.02
N GLY A 151 21.36 -10.10 -18.86
CA GLY A 151 21.40 -9.83 -20.29
C GLY A 151 20.24 -10.49 -21.03
N SER A 152 20.22 -10.33 -22.37
CA SER A 152 19.13 -10.91 -23.14
C SER A 152 19.59 -11.55 -24.44
N GLY A 153 20.53 -12.51 -24.35
CA GLY A 153 20.94 -13.28 -25.50
C GLY A 153 19.82 -14.12 -26.12
N ASN A 154 20.18 -15.00 -27.06
CA ASN A 154 19.22 -15.91 -27.65
C ASN A 154 18.61 -16.75 -26.53
N THR A 155 17.30 -16.67 -26.40
CA THR A 155 16.68 -17.06 -25.14
C THR A 155 15.99 -18.41 -25.23
N THR A 156 16.25 -19.23 -24.21
CA THR A 156 15.73 -20.59 -24.18
C THR A 156 15.34 -20.95 -22.76
N PHE A 157 14.24 -21.67 -22.62
CA PHE A 157 13.74 -22.17 -21.34
C PHE A 157 13.64 -23.69 -21.40
N SER A 158 14.60 -24.38 -20.78
CA SER A 158 14.68 -25.85 -20.83
C SER A 158 14.24 -26.44 -22.15
N GLY A 159 14.92 -26.08 -23.22
CA GLY A 159 14.63 -26.67 -24.51
C GLY A 159 13.43 -26.09 -25.22
N ILE A 160 12.83 -25.06 -24.63
CA ILE A 160 11.86 -24.25 -25.37
C ILE A 160 12.62 -23.09 -26.02
N LYS A 161 12.67 -23.10 -27.35
CA LYS A 161 13.41 -22.09 -28.08
C LYS A 161 12.48 -20.96 -28.51
N THR A 162 12.70 -19.80 -27.93
CA THR A 162 11.95 -18.59 -28.28
C THR A 162 12.47 -17.98 -29.58
N SER A 163 13.73 -18.27 -29.88
CA SER A 163 14.44 -17.67 -31.01
C SER A 163 14.46 -16.16 -30.89
N GLN A 164 14.37 -15.67 -29.66
CA GLN A 164 14.36 -14.23 -29.45
C GLN A 164 15.70 -13.75 -28.90
N THR A 165 16.30 -12.77 -29.57
CA THR A 165 17.52 -12.17 -29.04
C THR A 165 17.31 -10.66 -28.88
N TYR A 166 17.91 -10.10 -27.83
CA TYR A 166 17.89 -8.66 -27.57
C TYR A 166 16.48 -8.10 -27.25
N GLN A 167 15.56 -8.97 -26.85
CA GLN A 167 14.26 -8.56 -26.30
C GLN A 167 14.35 -8.07 -24.85
N ALA A 168 13.90 -6.84 -24.62
CA ALA A 168 13.92 -6.23 -23.30
C ALA A 168 13.02 -6.99 -22.32
N ASP A 169 11.85 -7.41 -22.78
CA ASP A 169 10.96 -8.24 -21.95
C ASP A 169 11.70 -9.49 -21.41
N LEU A 170 12.60 -10.03 -22.21
CA LEU A 170 13.25 -11.30 -21.85
C LEU A 170 14.57 -11.11 -21.13
N LEU A 171 14.86 -9.88 -20.72
CA LEU A 171 16.06 -9.62 -19.93
C LEU A 171 16.10 -10.59 -18.75
N SER A 172 17.13 -11.43 -18.70
CA SER A 172 17.20 -12.51 -17.71
C SER A 172 18.51 -12.55 -16.89
N ALA A 173 18.43 -13.05 -15.67
CA ALA A 173 19.53 -12.93 -14.74
C ALA A 173 20.27 -14.24 -14.53
N SER A 174 21.57 -14.16 -14.33
CA SER A 174 22.38 -15.34 -14.01
C SER A 174 23.00 -15.14 -12.64
N LEU A 175 23.04 -16.20 -11.87
CA LEU A 175 23.73 -16.18 -10.59
C LEU A 175 24.97 -17.04 -10.74
N PHE A 176 26.11 -16.61 -10.19
CA PHE A 176 27.35 -17.34 -10.42
C PHE A 176 28.33 -17.32 -9.24
N HIS A 177 29.30 -18.22 -9.28
CA HIS A 177 30.46 -18.15 -8.40
C HIS A 177 31.72 -18.05 -9.24
N ILE A 178 32.70 -17.26 -8.80
CA ILE A 178 33.94 -17.12 -9.56
C ILE A 178 34.89 -18.31 -9.36
N THR A 179 35.25 -18.96 -10.47
CA THR A 179 36.11 -20.15 -10.47
C THR A 179 37.57 -19.83 -10.80
N ASN A 180 37.83 -18.69 -11.43
CA ASN A 180 39.19 -18.20 -11.61
C ASN A 180 39.24 -16.68 -11.78
N LEU A 181 39.73 -16.01 -10.76
CA LEU A 181 39.96 -14.58 -10.80
C LEU A 181 40.90 -14.15 -11.92
N ARG A 182 41.87 -15.00 -12.25
CA ARG A 182 42.83 -14.64 -13.29
C ARG A 182 43.06 -15.81 -14.23
N ALA A 183 42.08 -16.03 -15.11
CA ALA A 183 42.19 -17.02 -16.17
C ALA A 183 43.07 -16.52 -17.33
N ASN A 184 43.97 -17.39 -17.79
CA ASN A 184 44.92 -17.04 -18.85
C ASN A 184 44.33 -17.24 -20.24
N THR A 185 43.78 -16.17 -20.80
CA THR A 185 43.14 -16.30 -22.10
C THR A 185 43.89 -15.50 -23.16
N VAL A 186 43.49 -15.69 -24.40
CA VAL A 186 44.01 -14.82 -25.45
C VAL A 186 43.46 -13.42 -25.23
N GLY A 187 44.37 -12.46 -25.13
CA GLY A 187 44.00 -11.07 -24.93
C GLY A 187 44.51 -10.58 -23.59
N GLY A 188 44.60 -11.48 -22.62
CA GLY A 188 45.04 -11.11 -21.29
C GLY A 188 44.23 -11.82 -20.21
N ASN A 189 44.53 -11.53 -18.95
CA ASN A 189 43.85 -12.16 -17.83
C ASN A 189 42.37 -11.78 -17.72
N LYS A 190 41.52 -12.78 -17.48
CA LYS A 190 40.08 -12.58 -17.41
C LYS A 190 39.43 -13.38 -16.29
N VAL A 191 38.37 -12.83 -15.72
CA VAL A 191 37.67 -13.50 -14.64
C VAL A 191 36.78 -14.57 -15.21
N GLU A 192 36.81 -15.74 -14.57
CA GLU A 192 36.08 -16.90 -15.05
C GLU A 192 35.03 -17.25 -14.04
N TYR A 193 33.81 -17.53 -14.51
CA TYR A 193 32.79 -17.94 -13.56
C TYR A 193 32.00 -19.15 -14.07
N GLU A 194 31.30 -19.75 -13.12
CA GLU A 194 30.42 -20.87 -13.36
C GLU A 194 29.07 -20.55 -12.71
N ASN A 195 27.98 -20.88 -13.38
CA ASN A 195 26.66 -20.62 -12.83
C ASN A 195 26.29 -21.54 -11.67
N ASP A 196 25.36 -21.08 -10.85
CA ASP A 196 24.71 -21.94 -9.87
C ASP A 196 24.09 -23.14 -10.60
N SER A 197 24.20 -24.32 -10.01
CA SER A 197 23.69 -25.53 -10.67
C SER A 197 22.17 -25.70 -10.56
N TYR A 198 21.51 -24.90 -9.75
CA TYR A 198 20.05 -24.99 -9.65
C TYR A 198 19.39 -23.80 -10.33
N PHE A 199 19.82 -22.60 -9.96
CA PHE A 199 19.30 -21.40 -10.59
C PHE A 199 20.23 -21.06 -11.74
N THR A 200 19.97 -21.67 -12.88
CA THR A 200 20.97 -21.76 -13.91
C THR A 200 20.52 -21.07 -15.18
N ASN A 201 21.18 -19.98 -15.46
CA ASN A 201 21.01 -19.25 -16.68
C ASN A 201 22.37 -19.24 -17.40
N LEU A 202 22.51 -20.08 -18.41
CA LEU A 202 23.79 -20.19 -19.10
C LEU A 202 23.97 -19.04 -20.09
N THR A 203 25.22 -18.66 -20.32
CA THR A 203 25.53 -17.56 -21.21
C THR A 203 25.36 -17.95 -22.67
N THR A 204 24.75 -17.05 -23.43
CA THR A 204 24.53 -17.21 -24.86
C THR A 204 25.31 -16.11 -25.58
N ASN A 205 25.45 -16.21 -26.90
CA ASN A 205 26.22 -15.22 -27.66
C ASN A 205 25.67 -13.79 -27.50
N GLY A 206 24.36 -13.63 -27.59
CA GLY A 206 23.74 -12.32 -27.42
C GLY A 206 23.96 -11.70 -26.06
N ASP A 207 24.48 -12.48 -25.12
CA ASP A 207 24.83 -11.98 -23.78
C ASP A 207 26.20 -11.31 -23.76
N SER A 208 26.98 -11.50 -24.82
CA SER A 208 28.32 -10.95 -24.87
C SER A 208 28.24 -9.44 -24.70
N GLY A 209 29.07 -8.89 -23.82
CA GLY A 209 29.04 -7.47 -23.53
C GLY A 209 28.27 -7.09 -22.27
N SER A 210 27.40 -7.98 -21.76
CA SER A 210 26.51 -7.64 -20.64
C SER A 210 27.33 -7.48 -19.37
N GLY A 211 26.85 -6.67 -18.44
CA GLY A 211 27.59 -6.35 -17.23
C GLY A 211 27.52 -7.43 -16.15
N VAL A 212 28.64 -7.60 -15.45
CA VAL A 212 28.80 -8.61 -14.44
C VAL A 212 29.01 -7.90 -13.11
N TYR A 213 28.27 -8.28 -12.08
CA TYR A 213 28.26 -7.52 -10.84
C TYR A 213 28.81 -8.31 -9.67
N VAL A 214 29.36 -7.60 -8.72
CA VAL A 214 30.02 -8.24 -7.62
C VAL A 214 29.89 -7.29 -6.42
N PHE A 215 29.85 -7.81 -5.21
CA PHE A 215 29.38 -7.00 -4.08
C PHE A 215 30.45 -6.72 -3.05
N ASP A 216 30.73 -5.43 -2.87
CA ASP A 216 31.75 -4.94 -1.95
C ASP A 216 31.30 -5.08 -0.50
N ASN A 217 32.05 -5.88 0.27
CA ASN A 217 31.81 -6.18 1.70
C ASN A 217 31.79 -5.01 2.65
N LYS A 218 32.66 -4.05 2.39
CA LYS A 218 32.95 -2.99 3.34
C LYS A 218 32.16 -1.75 3.02
N GLU A 219 31.85 -1.58 1.73
CA GLU A 219 31.11 -0.41 1.29
C GLU A 219 29.65 -0.74 1.12
N ASP A 220 29.32 -2.03 1.25
CA ASP A 220 27.96 -2.53 1.12
C ASP A 220 27.28 -2.00 -0.14
N LYS A 221 27.84 -2.37 -1.28
CA LYS A 221 27.32 -1.92 -2.57
C LYS A 221 27.71 -2.85 -3.70
N TRP A 222 26.82 -2.99 -4.68
CA TRP A 222 27.13 -3.73 -5.90
C TRP A 222 28.01 -2.92 -6.85
N VAL A 223 28.98 -3.61 -7.40
CA VAL A 223 30.04 -2.97 -8.14
C VAL A 223 30.09 -3.66 -9.49
N LEU A 224 30.35 -2.89 -10.55
CA LEU A 224 30.49 -3.49 -11.86
C LEU A 224 31.85 -4.20 -11.97
N LEU A 225 31.86 -5.54 -11.96
CA LEU A 225 33.11 -6.31 -12.07
C LEU A 225 33.76 -6.14 -13.43
N GLY A 226 32.93 -6.20 -14.46
CA GLY A 226 33.40 -6.07 -15.83
C GLY A 226 32.26 -6.40 -16.78
N THR A 227 32.62 -6.85 -17.98
CA THR A 227 31.66 -7.08 -19.05
C THR A 227 31.92 -8.43 -19.69
N THR A 228 30.85 -9.07 -20.11
CA THR A 228 30.94 -10.47 -20.53
C THR A 228 31.66 -10.66 -21.86
N HIS A 229 32.74 -11.45 -21.83
CA HIS A 229 33.59 -11.65 -23.01
C HIS A 229 33.30 -12.89 -23.84
N GLY A 230 33.11 -14.04 -23.19
CA GLY A 230 32.83 -15.27 -23.91
C GLY A 230 32.67 -16.50 -23.03
N ILE A 231 32.45 -17.65 -23.66
CA ILE A 231 32.27 -18.90 -22.94
C ILE A 231 33.17 -20.06 -23.42
N ILE A 232 33.34 -21.04 -22.55
CA ILE A 232 33.94 -22.33 -22.92
C ILE A 232 33.12 -23.43 -22.21
N GLY A 233 32.86 -24.53 -22.91
CA GLY A 233 32.00 -25.56 -22.34
C GLY A 233 30.56 -25.46 -22.84
N ASN A 234 29.66 -26.22 -22.24
CA ASN A 234 28.32 -26.41 -22.80
C ASN A 234 27.12 -26.35 -21.84
N GLY A 235 27.08 -27.26 -20.87
CA GLY A 235 25.93 -27.35 -19.96
C GLY A 235 26.18 -26.70 -18.61
N LYS A 236 25.85 -27.43 -17.56
CA LYS A 236 25.97 -26.96 -16.18
C LYS A 236 27.32 -26.32 -15.84
N THR A 237 28.41 -26.90 -16.35
CA THR A 237 29.74 -26.45 -15.94
C THR A 237 30.33 -25.41 -16.89
N GLN A 238 29.56 -25.02 -17.90
CA GLN A 238 29.93 -23.94 -18.82
C GLN A 238 30.62 -22.83 -18.04
N LYS A 239 31.75 -22.38 -18.56
CA LYS A 239 32.47 -21.29 -17.94
C LYS A 239 32.19 -20.00 -18.71
N THR A 240 32.13 -18.88 -18.00
CA THR A 240 32.05 -17.59 -18.67
C THR A 240 33.24 -16.68 -18.32
N TYR A 241 33.75 -15.97 -19.31
CA TYR A 241 34.86 -15.09 -19.05
C TYR A 241 34.39 -13.64 -19.07
N VAL A 242 34.82 -12.90 -18.06
CA VAL A 242 34.53 -11.49 -17.94
C VAL A 242 35.77 -10.64 -18.14
N THR A 243 35.68 -9.70 -19.07
CA THR A 243 36.71 -8.67 -19.20
C THR A 243 36.60 -7.74 -18.01
N PRO A 244 37.64 -7.71 -17.17
CA PRO A 244 37.64 -6.90 -15.95
C PRO A 244 37.50 -5.43 -16.27
N PHE A 245 36.64 -4.72 -15.56
CA PHE A 245 36.48 -3.28 -15.81
C PHE A 245 37.81 -2.54 -15.76
N ASP A 246 38.02 -1.63 -16.71
CA ASP A 246 39.33 -0.98 -16.87
C ASP A 246 39.24 0.54 -16.67
N SER A 247 39.67 0.99 -15.49
CA SER A 247 39.67 2.39 -15.09
C SER A 247 40.52 3.31 -15.98
N LYS A 248 41.75 2.89 -16.20
CA LYS A 248 42.72 3.65 -16.95
C LYS A 248 42.22 3.99 -18.35
N THR A 249 41.74 2.99 -19.07
CA THR A 249 41.23 3.20 -20.42
C THR A 249 39.93 4.00 -20.38
N THR A 250 39.09 3.70 -19.37
CA THR A 250 37.87 4.47 -19.16
C THR A 250 38.18 5.95 -18.98
N ASN A 251 39.18 6.24 -18.15
CA ASN A 251 39.47 7.61 -17.78
C ASN A 251 40.12 8.33 -18.93
N GLU A 252 40.82 7.59 -19.77
CA GLU A 252 41.44 8.20 -20.93
C GLU A 252 40.34 8.59 -21.92
N LEU A 253 39.34 7.75 -22.10
CA LEU A 253 38.27 8.14 -22.99
C LEU A 253 37.56 9.37 -22.44
N LYS A 254 37.33 9.41 -21.13
CA LYS A 254 36.61 10.55 -20.52
C LYS A 254 37.43 11.85 -20.65
N GLN A 255 38.74 11.74 -20.77
CA GLN A 255 39.58 12.93 -20.86
C GLN A 255 39.39 13.62 -22.20
N LEU A 256 38.99 12.85 -23.20
CA LEU A 256 38.76 13.40 -24.53
C LEU A 256 37.59 14.39 -24.57
N PHE A 257 36.81 14.47 -23.51
CA PHE A 257 35.61 15.31 -23.57
C PHE A 257 35.60 16.40 -22.52
N ILE A 258 36.76 16.71 -21.94
CA ILE A 258 36.77 17.76 -20.94
C ILE A 258 37.43 19.05 -21.45
N GLN A 259 36.64 20.13 -21.51
CA GLN A 259 37.19 21.47 -21.60
C GLN A 259 36.76 22.29 -20.39
N ASN A 260 37.72 22.56 -19.51
CA ASN A 260 37.43 23.34 -18.32
C ASN A 260 37.18 24.82 -18.65
N VAL A 261 36.09 25.37 -18.13
CA VAL A 261 35.87 26.80 -18.26
C VAL A 261 35.78 27.41 -16.89
N ASN A 262 36.82 28.15 -16.54
CA ASN A 262 36.88 28.84 -15.26
C ASN A 262 36.26 30.21 -15.38
N ILE A 263 35.02 30.31 -14.93
CA ILE A 263 34.27 31.55 -15.03
C ILE A 263 34.52 32.40 -13.79
N ASP A 264 34.56 31.74 -12.63
CA ASP A 264 34.98 32.37 -11.38
C ASP A 264 34.21 33.66 -11.09
N ASN A 265 32.88 33.58 -11.12
CA ASN A 265 32.00 34.72 -10.87
C ASN A 265 32.03 35.82 -11.92
N ASN A 266 32.82 35.62 -12.97
CA ASN A 266 32.82 36.60 -14.04
C ASN A 266 31.77 36.24 -15.07
N THR A 267 32.02 36.64 -16.32
CA THR A 267 31.06 36.40 -17.38
C THR A 267 31.74 35.76 -18.55
N ALA A 268 31.26 34.61 -18.98
CA ALA A 268 31.85 33.95 -20.13
C ALA A 268 30.94 34.14 -21.31
N THR A 269 31.46 34.77 -22.36
CA THR A 269 30.66 35.05 -23.55
C THR A 269 30.99 34.05 -24.64
N ILE A 270 29.97 33.47 -25.25
CA ILE A 270 30.18 32.35 -26.18
C ILE A 270 29.58 32.59 -27.55
N GLY A 271 30.41 32.42 -28.58
CA GLY A 271 29.97 32.57 -29.94
C GLY A 271 31.14 32.51 -30.92
N GLY A 272 30.86 32.09 -32.15
CA GLY A 272 31.86 32.11 -33.21
C GLY A 272 32.96 31.10 -32.96
N GLY A 273 32.62 30.03 -32.23
CA GLY A 273 33.59 29.02 -31.88
C GLY A 273 34.54 29.46 -30.77
N LYS A 274 34.13 30.46 -30.00
CA LYS A 274 35.01 31.01 -28.99
C LYS A 274 34.35 31.43 -27.69
N ILE A 275 35.15 31.45 -26.63
CA ILE A 275 34.68 31.76 -25.30
C ILE A 275 35.52 32.89 -24.75
N THR A 276 34.83 33.93 -24.28
CA THR A 276 35.52 35.15 -23.90
C THR A 276 35.17 35.58 -22.47
N ASN A 292 33.16 17.94 -30.45
CA ASN A 292 33.03 18.80 -29.28
C ASN A 292 33.30 18.10 -27.97
N LYS A 293 33.86 18.85 -27.04
CA LYS A 293 33.97 18.43 -25.65
C LYS A 293 32.79 18.94 -24.81
N ASP A 294 32.67 18.46 -23.58
CA ASP A 294 31.76 19.08 -22.63
C ASP A 294 32.39 20.40 -22.19
N LEU A 295 31.57 21.42 -22.03
CA LEU A 295 32.04 22.64 -21.40
C LEU A 295 31.79 22.47 -19.92
N VAL A 296 32.87 22.28 -19.18
CA VAL A 296 32.80 22.01 -17.75
C VAL A 296 33.07 23.31 -17.00
N PHE A 297 31.98 23.95 -16.57
CA PHE A 297 32.03 25.27 -15.95
C PHE A 297 32.34 25.21 -14.47
N SER A 298 33.14 26.14 -13.98
CA SER A 298 33.46 26.16 -12.56
C SER A 298 33.58 27.59 -12.04
N GLY A 299 33.37 27.75 -10.74
CA GLY A 299 33.53 29.04 -10.09
C GLY A 299 32.27 29.88 -9.99
N GLY A 300 31.21 29.45 -10.68
CA GLY A 300 29.98 30.24 -10.75
C GLY A 300 30.14 31.33 -11.79
N GLY A 301 29.12 32.17 -11.93
CA GLY A 301 29.21 33.30 -12.85
C GLY A 301 28.13 33.32 -13.91
N LYS A 302 28.32 34.15 -14.92
CA LYS A 302 27.31 34.29 -15.95
C LYS A 302 27.83 33.74 -17.27
N ILE A 303 26.93 33.12 -18.01
CA ILE A 303 27.21 32.58 -19.33
C ILE A 303 26.33 33.32 -20.31
N SER A 304 26.94 34.04 -21.25
CA SER A 304 26.14 34.76 -22.23
C SER A 304 26.36 34.26 -23.66
N LEU A 305 25.26 33.99 -24.36
CA LEU A 305 25.32 33.51 -25.74
C LEU A 305 24.98 34.63 -26.73
N LYS A 306 25.88 34.88 -27.69
CA LYS A 306 25.65 35.90 -28.72
C LYS A 306 24.88 35.36 -29.92
N GLU A 307 24.63 34.07 -29.90
CA GLU A 307 24.00 33.41 -31.03
C GLU A 307 23.61 32.02 -30.58
N ASN A 308 22.91 31.30 -31.43
CA ASN A 308 22.62 29.91 -31.18
C ASN A 308 23.92 29.17 -30.97
N LEU A 309 23.93 28.33 -29.93
CA LEU A 309 25.06 27.49 -29.63
C LEU A 309 24.64 26.03 -29.80
N ASP A 310 25.36 25.32 -30.66
CA ASP A 310 25.14 23.92 -30.90
C ASP A 310 26.45 23.24 -30.53
N LEU A 311 26.42 22.47 -29.44
CA LEU A 311 27.62 21.86 -28.89
C LEU A 311 27.86 20.49 -29.47
N GLY A 312 27.08 20.12 -30.48
CA GLY A 312 27.15 18.79 -31.05
C GLY A 312 27.03 17.71 -30.00
N TYR A 313 28.09 16.92 -29.86
CA TYR A 313 28.07 15.81 -28.90
C TYR A 313 28.40 16.27 -27.49
N GLY A 314 28.91 17.48 -27.34
CA GLY A 314 29.16 18.05 -26.02
C GLY A 314 27.90 18.62 -25.37
N GLY A 315 27.98 18.89 -24.06
CA GLY A 315 26.93 19.57 -23.33
C GLY A 315 27.48 20.35 -22.14
N PHE A 316 26.58 20.92 -21.33
CA PHE A 316 26.97 21.73 -20.17
C PHE A 316 27.12 20.93 -18.90
N ILE A 317 28.27 21.08 -18.25
CA ILE A 317 28.49 20.44 -16.98
C ILE A 317 28.90 21.50 -15.97
N PHE A 318 28.23 21.51 -14.83
CA PHE A 318 28.44 22.52 -13.80
C PHE A 318 28.98 21.88 -12.54
N ASP A 319 29.86 22.59 -11.84
CA ASP A 319 30.44 22.08 -10.61
C ASP A 319 29.44 22.22 -9.46
N GLU A 320 29.91 22.06 -8.22
CA GLU A 320 29.03 22.01 -7.05
C GLU A 320 28.96 23.32 -6.29
N ASN A 321 27.85 23.53 -5.58
CA ASN A 321 27.67 24.66 -4.66
C ASN A 321 27.89 26.04 -5.30
N LYS A 322 27.51 26.21 -6.56
CA LYS A 322 27.68 27.52 -7.20
C LYS A 322 26.42 28.00 -7.95
N LYS A 323 26.32 29.31 -8.11
CA LYS A 323 25.23 29.94 -8.84
C LYS A 323 25.64 30.36 -10.26
N TYR A 324 24.85 29.98 -11.26
CA TYR A 324 25.10 30.32 -12.66
C TYR A 324 23.87 30.91 -13.33
N THR A 325 24.10 31.81 -14.28
CA THR A 325 23.01 32.28 -15.13
C THR A 325 23.41 32.05 -16.58
N VAL A 326 22.43 31.67 -17.41
CA VAL A 326 22.62 31.52 -18.84
C VAL A 326 21.68 32.46 -19.54
N SER A 327 22.25 33.46 -20.22
CA SER A 327 21.46 34.53 -20.80
C SER A 327 21.78 34.76 -22.27
N ALA A 328 20.83 35.36 -22.96
CA ALA A 328 21.07 35.87 -24.31
C ALA A 328 21.53 37.32 -24.24
N GLU A 329 22.58 37.60 -25.00
CA GLU A 329 23.05 38.96 -25.19
C GLU A 329 21.93 39.82 -25.77
N GLY A 330 21.79 41.04 -25.26
CA GLY A 330 20.79 41.98 -25.74
C GLY A 330 19.34 41.52 -25.75
N ASN A 331 18.99 40.58 -24.86
CA ASN A 331 17.65 39.97 -24.76
C ASN A 331 17.19 39.36 -26.09
N ASN A 332 18.16 38.91 -26.88
CA ASN A 332 17.87 38.19 -28.11
C ASN A 332 17.31 36.79 -27.90
N ASN A 333 16.91 36.14 -28.98
CA ASN A 333 16.42 34.78 -28.90
C ASN A 333 17.44 33.76 -29.37
N VAL A 334 18.19 33.18 -28.43
CA VAL A 334 19.15 32.13 -28.80
C VAL A 334 18.82 30.77 -28.20
N THR A 335 19.14 29.72 -28.94
CA THR A 335 18.89 28.37 -28.47
C THR A 335 20.19 27.66 -28.11
N PHE A 336 20.09 26.73 -27.17
CA PHE A 336 21.19 25.82 -26.92
C PHE A 336 20.80 24.41 -27.32
N LYS A 337 21.77 23.67 -27.85
CA LYS A 337 21.61 22.26 -28.17
C LYS A 337 22.88 21.51 -27.87
N GLY A 338 22.74 20.30 -27.36
CA GLY A 338 23.87 19.42 -27.13
C GLY A 338 23.52 18.14 -26.38
N ALA A 339 24.49 17.63 -25.63
CA ALA A 339 24.38 16.36 -24.92
C ALA A 339 23.39 16.47 -23.77
N GLY A 340 23.25 17.68 -23.25
CA GLY A 340 22.30 17.94 -22.18
C GLY A 340 22.91 18.88 -21.16
N ILE A 341 22.37 18.84 -19.95
CA ILE A 341 22.84 19.71 -18.88
C ILE A 341 23.06 18.85 -17.64
N ASP A 342 24.24 18.95 -17.04
CA ASP A 342 24.60 18.15 -15.87
C ASP A 342 25.02 19.10 -14.76
N ILE A 343 24.16 19.28 -13.77
CA ILE A 343 24.44 20.24 -12.70
C ILE A 343 24.84 19.54 -11.42
N GLY A 344 25.96 19.97 -10.87
CA GLY A 344 26.48 19.44 -9.63
C GLY A 344 25.63 19.77 -8.41
N LYS A 345 25.78 18.91 -7.40
CA LYS A 345 25.11 19.06 -6.11
C LYS A 345 25.28 20.47 -5.51
N GLY A 346 24.17 21.05 -5.05
CA GLY A 346 24.22 22.34 -4.36
C GLY A 346 24.34 23.57 -5.26
N SER A 347 24.26 23.35 -6.56
CA SER A 347 24.32 24.42 -7.53
C SER A 347 22.96 24.74 -8.14
N THR A 348 22.79 26.00 -8.53
CA THR A 348 21.61 26.40 -9.27
C THR A 348 22.00 27.14 -10.56
N VAL A 349 21.41 26.69 -11.67
CA VAL A 349 21.58 27.33 -12.96
C VAL A 349 20.31 28.04 -13.43
N ASP A 350 20.31 29.37 -13.40
CA ASP A 350 19.19 30.13 -13.93
C ASP A 350 19.21 30.06 -15.44
N TRP A 351 18.21 29.38 -15.98
CA TRP A 351 18.21 29.04 -17.39
C TRP A 351 17.32 30.03 -18.08
N ASN A 352 17.92 31.11 -18.60
CA ASN A 352 17.14 32.15 -19.26
C ASN A 352 17.44 32.24 -20.74
N ILE A 353 17.46 31.09 -21.40
CA ILE A 353 17.43 31.00 -22.85
C ILE A 353 16.48 29.86 -23.12
N LYS A 354 16.26 29.57 -24.40
CA LYS A 354 15.54 28.38 -24.80
C LYS A 354 16.49 27.24 -25.12
N TYR A 355 16.15 26.03 -24.66
CA TYR A 355 16.79 24.86 -25.22
C TYR A 355 16.17 24.73 -26.61
N ALA A 356 16.97 24.31 -27.58
CA ALA A 356 16.52 24.08 -28.95
C ALA A 356 15.20 23.30 -29.03
N SER A 357 14.44 23.56 -30.08
CA SER A 357 13.06 23.05 -30.16
C SER A 357 12.92 21.77 -30.97
N ASN A 358 13.97 21.34 -31.65
CA ASN A 358 13.88 20.07 -32.34
C ASN A 358 14.59 18.94 -31.57
N ASP A 359 14.88 19.21 -30.30
CA ASP A 359 15.67 18.28 -29.49
C ASP A 359 15.18 18.30 -28.04
N ALA A 360 15.27 17.16 -27.37
CA ALA A 360 14.94 17.11 -25.95
C ALA A 360 16.07 17.62 -25.08
N LEU A 361 15.72 18.42 -24.08
CA LEU A 361 16.71 18.82 -23.11
C LEU A 361 16.87 17.73 -22.03
N HIS A 362 18.06 17.13 -21.97
CA HIS A 362 18.37 16.08 -20.99
C HIS A 362 19.04 16.68 -19.76
N LYS A 363 18.34 16.63 -18.64
CA LYS A 363 18.87 17.17 -17.39
C LYS A 363 19.22 16.07 -16.38
N ILE A 364 20.49 16.01 -15.96
CA ILE A 364 20.89 15.08 -14.90
C ILE A 364 21.70 15.82 -13.87
N GLY A 365 22.27 15.08 -12.93
CA GLY A 365 23.02 15.67 -11.84
C GLY A 365 22.11 16.12 -10.72
N GLU A 366 22.69 16.43 -9.57
CA GLU A 366 21.90 16.63 -8.37
C GLU A 366 21.42 18.05 -8.14
N GLY A 367 22.01 19.01 -8.84
CA GLY A 367 21.66 20.42 -8.69
C GLY A 367 20.42 20.88 -9.45
N SER A 368 20.18 22.19 -9.42
CA SER A 368 18.93 22.80 -9.89
C SER A 368 18.98 23.57 -11.21
N LEU A 369 18.12 23.19 -12.15
CA LEU A 369 17.87 23.99 -13.33
C LEU A 369 16.64 24.86 -13.07
N ASN A 370 16.83 26.18 -13.04
CA ASN A 370 15.75 27.12 -12.78
C ASN A 370 15.30 27.78 -14.06
N VAL A 371 14.20 27.29 -14.62
CA VAL A 371 13.79 27.68 -15.96
C VAL A 371 12.91 28.92 -15.89
N ILE A 372 13.49 30.06 -16.28
CA ILE A 372 12.85 31.38 -16.17
C ILE A 372 11.89 31.69 -17.32
N GLN A 373 12.11 31.09 -18.48
CA GLN A 373 11.25 31.34 -19.64
C GLN A 373 10.70 30.06 -20.28
N ALA A 374 9.59 30.16 -20.99
CA ALA A 374 9.03 29.00 -21.68
C ALA A 374 10.04 28.53 -22.73
N GLN A 375 10.04 27.22 -22.97
CA GLN A 375 11.09 26.57 -23.74
C GLN A 375 10.62 26.12 -25.12
N ASN A 376 9.31 25.95 -25.28
CA ASN A 376 8.78 25.37 -26.52
C ASN A 376 9.56 24.09 -26.92
N THR A 377 9.89 23.25 -25.94
CA THR A 377 10.51 21.97 -26.23
C THR A 377 10.22 21.01 -25.10
N ASN A 378 10.75 19.78 -25.22
CA ASN A 378 10.51 18.75 -24.22
C ASN A 378 11.67 18.62 -23.25
N LEU A 379 11.32 18.26 -22.02
CA LEU A 379 12.31 18.03 -21.00
C LEU A 379 12.40 16.53 -20.68
N LYS A 380 13.60 16.02 -20.52
CA LYS A 380 13.83 14.69 -19.95
C LYS A 380 14.76 14.84 -18.76
N THR A 381 14.24 14.61 -17.54
CA THR A 381 15.04 14.81 -16.36
C THR A 381 15.10 13.55 -15.46
N GLY A 382 16.27 13.31 -14.86
CA GLY A 382 16.47 12.11 -14.07
C GLY A 382 17.09 12.35 -12.69
N ASN A 383 17.28 13.60 -12.31
CA ASN A 383 18.00 13.88 -11.07
C ASN A 383 17.91 15.35 -10.70
N GLY A 384 18.13 15.66 -9.43
CA GLY A 384 18.10 17.04 -8.98
C GLY A 384 16.73 17.69 -9.22
N THR A 385 16.74 19.02 -9.29
CA THR A 385 15.50 19.79 -9.36
C THR A 385 15.41 20.59 -10.66
N VAL A 386 14.24 20.55 -11.28
CA VAL A 386 13.94 21.43 -12.37
C VAL A 386 12.75 22.28 -11.93
N ILE A 387 12.96 23.59 -11.92
CA ILE A 387 11.93 24.50 -11.47
C ILE A 387 11.26 25.17 -12.65
N LEU A 388 9.95 25.12 -12.69
CA LEU A 388 9.21 25.72 -13.78
C LEU A 388 8.85 27.11 -13.35
N GLY A 389 9.50 28.11 -13.96
CA GLY A 389 9.28 29.49 -13.57
C GLY A 389 8.42 30.26 -14.55
N ALA A 390 7.85 29.57 -15.53
CA ALA A 390 7.07 30.25 -16.56
C ALA A 390 5.80 29.48 -16.91
N GLN A 391 4.81 30.17 -17.47
CA GLN A 391 3.63 29.51 -18.02
C GLN A 391 4.04 28.52 -19.12
N LYS A 392 3.56 27.29 -19.02
CA LYS A 392 3.82 26.26 -20.02
C LYS A 392 5.33 26.14 -20.26
N THR A 393 6.08 25.99 -19.16
CA THR A 393 7.53 26.05 -19.23
C THR A 393 8.11 25.10 -20.28
N PHE A 394 7.71 23.84 -20.24
CA PHE A 394 8.05 22.91 -21.32
C PHE A 394 6.78 22.48 -22.00
N ASN A 395 6.89 21.96 -23.20
CA ASN A 395 5.71 21.44 -23.86
C ASN A 395 5.28 20.10 -23.18
N ASN A 396 6.25 19.20 -23.02
CA ASN A 396 6.08 17.91 -22.34
C ASN A 396 7.27 17.63 -21.43
N ILE A 397 7.01 17.07 -20.25
CA ILE A 397 8.07 16.68 -19.34
C ILE A 397 8.10 15.15 -19.08
N TYR A 398 9.31 14.57 -19.14
CA TYR A 398 9.51 13.15 -18.88
C TYR A 398 10.42 13.02 -17.66
N VAL A 399 9.90 12.37 -16.63
CA VAL A 399 10.59 12.20 -15.37
C VAL A 399 10.97 10.75 -15.21
N ALA A 400 12.27 10.48 -15.10
CA ALA A 400 12.75 9.10 -15.02
C ALA A 400 13.76 8.85 -13.90
N GLY A 401 13.74 7.62 -13.37
CA GLY A 401 14.90 7.09 -12.69
C GLY A 401 14.89 7.18 -11.19
N GLY A 402 14.01 8.01 -10.66
CA GLY A 402 13.81 8.04 -9.21
C GLY A 402 14.04 9.35 -8.47
N PRO A 403 15.24 9.93 -8.60
CA PRO A 403 15.57 10.98 -7.63
C PRO A 403 15.38 12.41 -8.16
N GLY A 404 14.78 12.61 -9.32
CA GLY A 404 14.56 13.97 -9.79
C GLY A 404 13.31 14.61 -9.17
N THR A 405 13.32 15.94 -9.08
CA THR A 405 12.17 16.73 -8.67
C THR A 405 11.83 17.77 -9.75
N VAL A 406 10.54 17.87 -10.04
CA VAL A 406 10.00 18.95 -10.83
C VAL A 406 9.15 19.87 -9.94
N GLN A 407 9.44 21.17 -9.97
CA GLN A 407 8.80 22.08 -9.04
C GLN A 407 8.13 23.27 -9.73
N LEU A 408 6.83 23.43 -9.49
CA LEU A 408 6.08 24.56 -10.04
C LEU A 408 6.43 25.86 -9.35
N ASN A 409 6.64 26.92 -10.14
CA ASN A 409 6.96 28.23 -9.57
C ASN A 409 6.41 29.38 -10.41
N ALA A 410 5.20 29.21 -10.94
CA ALA A 410 4.53 30.24 -11.72
C ALA A 410 3.14 29.73 -12.00
N GLU A 411 2.24 30.57 -12.49
CA GLU A 411 0.87 30.14 -12.77
C GLU A 411 0.84 29.34 -14.07
N ASN A 412 0.09 28.26 -14.09
CA ASN A 412 -0.10 27.46 -15.28
C ASN A 412 1.23 27.02 -15.92
N ALA A 413 2.16 26.61 -15.07
CA ALA A 413 3.50 26.20 -15.50
C ALA A 413 3.54 24.86 -16.22
N LEU A 414 2.58 23.97 -15.98
CA LEU A 414 2.56 22.67 -16.65
C LEU A 414 1.96 22.80 -18.03
N GLY A 415 1.84 21.68 -18.73
CA GLY A 415 1.48 21.67 -20.14
C GLY A 415 0.01 21.39 -20.43
N GLU A 416 -0.29 21.12 -21.70
CA GLU A 416 -1.67 20.91 -22.15
C GLU A 416 -2.02 19.43 -22.21
N GLY A 417 -3.31 19.13 -22.39
CA GLY A 417 -3.78 17.77 -22.54
C GLY A 417 -4.18 17.09 -21.24
N ASP A 418 -4.74 15.90 -21.35
CA ASP A 418 -5.21 15.17 -20.18
C ASP A 418 -4.16 14.99 -19.07
N TYR A 419 -2.88 14.89 -19.45
CA TYR A 419 -1.87 14.62 -18.44
C TYR A 419 -1.08 15.85 -18.00
N ALA A 420 -1.51 17.04 -18.40
CA ALA A 420 -0.79 18.29 -18.06
C ALA A 420 0.66 18.21 -18.51
N GLY A 421 0.89 17.43 -19.56
CA GLY A 421 2.19 17.34 -20.19
C GLY A 421 3.35 16.88 -19.32
N ILE A 422 3.09 16.01 -18.35
CA ILE A 422 4.16 15.42 -17.58
C ILE A 422 3.95 13.90 -17.41
N PHE A 423 5.05 13.18 -17.47
CA PHE A 423 5.04 11.74 -17.60
C PHE A 423 6.17 11.22 -16.75
N PHE A 424 5.89 10.16 -15.99
CA PHE A 424 6.83 9.59 -15.06
C PHE A 424 7.04 8.15 -15.42
N THR A 425 8.22 7.76 -15.95
CA THR A 425 8.49 6.35 -16.17
C THR A 425 8.93 5.67 -14.90
N GLU A 426 9.58 4.53 -15.11
CA GLU A 426 10.07 3.64 -14.08
C GLU A 426 10.82 4.43 -13.02
N ASN A 427 10.41 4.23 -11.77
CA ASN A 427 10.98 4.85 -10.57
C ASN A 427 10.61 6.31 -10.40
N GLY A 428 10.07 6.91 -11.46
CA GLY A 428 9.50 8.24 -11.41
C GLY A 428 10.35 9.36 -10.83
N GLY A 429 9.71 10.16 -9.98
CA GLY A 429 10.30 11.32 -9.35
C GLY A 429 9.22 12.12 -8.64
N LYS A 430 9.52 13.36 -8.28
CA LYS A 430 8.62 14.19 -7.47
C LYS A 430 8.11 15.39 -8.23
N LEU A 431 6.79 15.61 -8.14
CA LEU A 431 6.18 16.86 -8.59
C LEU A 431 5.76 17.67 -7.37
N ASP A 432 6.43 18.81 -7.17
CA ASP A 432 6.13 19.72 -6.06
C ASP A 432 5.27 20.88 -6.55
N LEU A 433 3.99 20.87 -6.19
CA LEU A 433 3.04 21.87 -6.65
C LEU A 433 3.39 23.21 -6.03
N ASN A 434 4.15 23.18 -4.96
CA ASN A 434 4.76 24.38 -4.39
C ASN A 434 3.75 25.53 -4.19
N GLY A 435 2.62 25.23 -3.56
CA GLY A 435 1.62 26.26 -3.29
C GLY A 435 0.63 26.48 -4.42
N HIS A 436 0.89 25.91 -5.59
CA HIS A 436 0.00 26.05 -6.74
C HIS A 436 -1.06 24.93 -6.79
N ASN A 437 -2.20 25.23 -7.41
CA ASN A 437 -3.23 24.23 -7.66
C ASN A 437 -3.04 23.66 -9.05
N GLN A 438 -3.11 22.36 -9.21
CA GLN A 438 -2.98 21.74 -10.52
C GLN A 438 -4.06 20.71 -10.78
N THR A 439 -4.54 20.70 -12.00
CA THR A 439 -5.60 19.80 -12.43
C THR A 439 -5.09 18.82 -13.46
N PHE A 440 -5.42 17.56 -13.27
CA PHE A 440 -5.20 16.56 -14.29
C PHE A 440 -6.52 15.85 -14.61
N LYS A 441 -6.78 15.64 -15.88
CA LYS A 441 -7.74 14.64 -16.26
C LYS A 441 -7.20 13.27 -15.77
N LYS A 442 -5.89 13.06 -15.95
CA LYS A 442 -5.18 11.84 -15.56
C LYS A 442 -3.70 12.13 -15.27
N ILE A 443 -3.17 11.59 -14.17
CA ILE A 443 -1.73 11.65 -13.96
C ILE A 443 -1.05 10.49 -14.65
N ALA A 444 -0.08 10.76 -15.52
CA ALA A 444 0.61 9.69 -16.22
C ALA A 444 1.83 9.17 -15.46
N ALA A 445 1.56 8.27 -14.51
CA ALA A 445 2.56 7.72 -13.61
C ALA A 445 2.58 6.23 -13.81
N THR A 446 3.77 5.61 -13.94
CA THR A 446 3.79 4.15 -14.11
C THR A 446 3.86 3.41 -12.80
N ASP A 447 4.44 4.02 -11.78
CA ASP A 447 4.62 3.31 -10.53
C ASP A 447 4.72 4.22 -9.31
N SER A 448 4.80 3.60 -8.14
CA SER A 448 4.79 4.32 -6.89
C SER A 448 6.12 4.95 -6.56
N GLY A 449 7.02 4.98 -7.54
CA GLY A 449 8.21 5.81 -7.44
C GLY A 449 7.85 7.29 -7.61
N THR A 450 6.67 7.55 -8.19
CA THR A 450 6.16 8.90 -8.40
C THR A 450 5.39 9.42 -7.18
N THR A 451 5.69 10.65 -6.78
CA THR A 451 4.93 11.31 -5.75
C THR A 451 4.63 12.75 -6.16
N ILE A 452 3.39 13.16 -5.91
CA ILE A 452 2.97 14.54 -6.08
C ILE A 452 2.88 15.11 -4.71
N THR A 453 3.59 16.19 -4.46
CA THR A 453 3.69 16.75 -3.12
C THR A 453 3.48 18.26 -3.12
N ASN A 454 3.61 18.86 -1.94
CA ASN A 454 3.68 20.30 -1.85
C ASN A 454 4.48 20.72 -0.63
N SER A 455 5.69 21.23 -0.89
CA SER A 455 6.65 21.56 0.14
C SER A 455 6.36 22.90 0.79
N ASN A 456 5.38 23.62 0.25
CA ASN A 456 5.00 24.92 0.81
C ASN A 456 4.07 24.72 2.01
N THR A 457 4.55 25.02 3.21
CA THR A 457 3.80 24.67 4.41
C THR A 457 2.75 25.71 4.78
N THR A 458 2.65 26.79 4.00
CA THR A 458 1.79 27.88 4.40
C THR A 458 0.67 28.14 3.40
N LYS A 459 0.76 27.52 2.23
CA LYS A 459 -0.27 27.64 1.21
C LYS A 459 -0.54 26.28 0.64
N GLU A 460 -1.73 25.76 0.90
CA GLU A 460 -2.06 24.39 0.53
C GLU A 460 -2.34 24.32 -0.96
N SER A 461 -1.91 23.21 -1.56
CA SER A 461 -2.10 22.96 -2.98
C SER A 461 -3.28 22.06 -3.21
N VAL A 462 -4.21 22.49 -4.06
CA VAL A 462 -5.32 21.62 -4.42
C VAL A 462 -4.93 20.82 -5.64
N LEU A 463 -4.91 19.49 -5.48
CA LEU A 463 -4.68 18.60 -6.60
C LEU A 463 -6.01 18.02 -7.08
N SER A 464 -6.41 18.40 -8.29
CA SER A 464 -7.67 17.92 -8.85
C SER A 464 -7.43 16.83 -9.89
N VAL A 465 -8.13 15.71 -9.75
CA VAL A 465 -8.06 14.65 -10.74
C VAL A 465 -9.46 14.34 -11.17
N ASN A 466 -9.80 14.66 -12.41
CA ASN A 466 -11.20 14.57 -12.82
C ASN A 466 -11.41 13.70 -14.03
N ASN A 467 -10.75 12.54 -14.04
CA ASN A 467 -11.08 11.50 -15.00
C ASN A 467 -12.57 11.15 -15.04
N GLN A 468 -13.05 10.83 -16.23
CA GLN A 468 -14.45 10.49 -16.44
C GLN A 468 -14.63 8.99 -16.65
N ASN A 469 -13.50 8.29 -16.77
CA ASN A 469 -13.53 6.86 -16.94
C ASN A 469 -12.58 6.24 -15.95
N ASN A 470 -12.60 4.90 -15.90
CA ASN A 470 -11.74 4.14 -15.02
C ASN A 470 -10.28 4.51 -15.24
N TYR A 471 -9.64 4.92 -14.17
CA TYR A 471 -8.25 5.32 -14.23
C TYR A 471 -7.56 5.00 -12.91
N ILE A 472 -6.34 4.46 -12.97
CA ILE A 472 -5.61 4.18 -11.76
C ILE A 472 -4.37 5.07 -11.64
N TYR A 473 -4.27 5.81 -10.54
CA TYR A 473 -3.06 6.53 -10.21
C TYR A 473 -2.19 5.58 -9.42
N HIS A 474 -1.04 5.23 -10.01
CA HIS A 474 -0.08 4.33 -9.39
C HIS A 474 0.88 5.06 -8.43
N GLY A 475 0.91 6.38 -8.48
CA GLY A 475 1.87 7.16 -7.70
C GLY A 475 1.39 7.55 -6.31
N ASN A 476 2.15 8.41 -5.63
CA ASN A 476 1.76 8.82 -4.29
C ASN A 476 1.34 10.29 -4.16
N VAL A 477 0.86 10.64 -2.97
CA VAL A 477 0.59 12.00 -2.56
C VAL A 477 1.07 12.18 -1.14
N ASP A 478 1.83 13.24 -0.89
CA ASP A 478 2.07 13.64 0.49
C ASP A 478 2.33 15.14 0.53
N GLY A 479 2.75 15.64 1.68
CA GLY A 479 2.90 17.08 1.85
C GLY A 479 1.59 17.83 2.01
N ASN A 480 1.66 19.13 1.78
CA ASN A 480 0.57 20.05 2.05
C ASN A 480 -0.42 20.12 0.90
N VAL A 481 -1.16 19.04 0.69
CA VAL A 481 -2.01 18.88 -0.48
C VAL A 481 -3.48 18.59 -0.09
N ARG A 482 -4.41 19.06 -0.91
CA ARG A 482 -5.79 18.59 -0.81
C ARG A 482 -6.13 17.97 -2.15
N LEU A 483 -6.78 16.80 -2.10
CA LEU A 483 -7.11 16.05 -3.30
C LEU A 483 -8.59 16.10 -3.60
N GLU A 484 -8.96 16.46 -4.82
CA GLU A 484 -10.36 16.55 -5.22
C GLU A 484 -10.68 15.74 -6.45
N HIS A 485 -11.72 14.91 -6.38
CA HIS A 485 -12.22 14.21 -7.56
C HIS A 485 -13.67 14.69 -7.80
N HIS A 486 -13.83 15.89 -8.37
CA HIS A 486 -15.14 16.51 -8.58
C HIS A 486 -15.59 16.50 -10.04
N LEU A 487 -16.84 16.08 -10.27
CA LEU A 487 -17.42 16.21 -11.60
C LEU A 487 -18.72 16.97 -11.50
N ASP A 488 -19.12 17.62 -12.60
CA ASP A 488 -20.28 18.51 -12.61
C ASP A 488 -21.60 17.77 -12.56
N THR A 489 -21.56 16.55 -13.09
CA THR A 489 -22.73 15.68 -13.16
C THR A 489 -22.39 14.29 -12.62
N LYS A 490 -23.34 13.70 -11.90
CA LYS A 490 -23.18 12.38 -11.33
C LYS A 490 -22.81 11.37 -12.39
N GLN A 491 -21.62 10.79 -12.26
CA GLN A 491 -21.08 9.84 -13.23
C GLN A 491 -20.48 8.61 -12.51
N ASP A 492 -21.21 7.51 -12.52
CA ASP A 492 -20.86 6.36 -11.69
C ASP A 492 -19.70 5.55 -12.25
N ASN A 493 -19.28 5.87 -13.47
CA ASN A 493 -18.22 5.12 -14.11
C ASN A 493 -16.89 5.88 -14.05
N ALA A 494 -16.94 7.11 -13.57
CA ALA A 494 -15.74 7.93 -13.45
C ALA A 494 -14.91 7.55 -12.24
N ARG A 495 -14.47 6.30 -12.18
CA ARG A 495 -13.79 5.77 -11.00
C ARG A 495 -12.34 6.17 -10.97
N LEU A 496 -11.98 6.93 -9.94
CA LEU A 496 -10.60 7.23 -9.60
C LEU A 496 -10.11 6.19 -8.60
N ILE A 497 -9.10 5.42 -9.02
CA ILE A 497 -8.53 4.35 -8.22
C ILE A 497 -7.11 4.68 -7.78
N LEU A 498 -6.88 4.74 -6.47
CA LEU A 498 -5.55 5.06 -5.96
C LEU A 498 -4.87 3.78 -5.49
N ASP A 499 -3.73 3.48 -6.11
CA ASP A 499 -2.90 2.26 -5.96
C ASP A 499 -1.67 2.47 -5.10
N GLY A 500 -1.39 3.74 -4.81
CA GLY A 500 -0.19 4.11 -4.08
C GLY A 500 -0.53 4.67 -2.72
N ASP A 501 0.48 5.22 -2.06
CA ASP A 501 0.28 5.82 -0.74
C ASP A 501 -0.24 7.25 -0.86
N ILE A 502 -1.26 7.55 -0.07
CA ILE A 502 -1.90 8.85 -0.08
C ILE A 502 -1.88 9.48 1.31
N GLN A 503 -1.14 10.57 1.43
CA GLN A 503 -1.10 11.37 2.65
C GLN A 503 -1.58 12.76 2.27
N ALA A 504 -2.75 13.15 2.74
CA ALA A 504 -3.37 14.40 2.31
C ALA A 504 -4.07 15.11 3.47
N ASN A 505 -4.08 16.43 3.45
CA ASN A 505 -4.83 17.19 4.44
C ASN A 505 -6.26 16.72 4.42
N SER A 506 -6.85 16.66 3.23
CA SER A 506 -8.23 16.25 3.10
C SER A 506 -8.49 15.76 1.70
N ILE A 507 -9.63 15.12 1.51
CA ILE A 507 -9.99 14.56 0.22
C ILE A 507 -11.46 14.84 -0.01
N SER A 508 -11.79 15.33 -1.19
CA SER A 508 -13.17 15.65 -1.48
C SER A 508 -13.62 15.03 -2.80
N ILE A 509 -14.77 14.38 -2.75
CA ILE A 509 -15.31 13.58 -3.83
C ILE A 509 -16.73 13.99 -4.14
N LYS A 510 -17.00 14.41 -5.37
CA LYS A 510 -18.34 14.80 -5.75
C LYS A 510 -18.67 14.19 -7.09
N ASN A 511 -19.78 13.45 -7.12
CA ASN A 511 -20.41 12.97 -8.35
C ASN A 511 -19.67 11.84 -9.08
N ALA A 512 -18.53 11.41 -8.57
CA ALA A 512 -17.70 10.40 -9.26
C ALA A 512 -16.98 9.50 -8.25
N PRO A 513 -16.90 8.18 -8.53
CA PRO A 513 -16.43 7.27 -7.49
C PRO A 513 -14.92 7.32 -7.18
N LEU A 514 -14.60 7.06 -5.92
CA LEU A 514 -13.24 6.89 -5.46
C LEU A 514 -13.05 5.45 -4.96
N VAL A 515 -11.88 4.90 -5.29
CA VAL A 515 -11.47 3.58 -4.86
C VAL A 515 -10.06 3.64 -4.30
N MET A 516 -9.93 3.18 -3.07
CA MET A 516 -8.63 3.00 -2.45
C MET A 516 -8.36 1.50 -2.30
N GLN A 517 -7.19 1.08 -2.76
CA GLN A 517 -6.81 -0.33 -2.73
C GLN A 517 -5.30 -0.47 -2.73
N GLY A 518 -4.84 -1.67 -2.40
CA GLY A 518 -3.42 -1.99 -2.52
C GLY A 518 -2.99 -2.15 -3.97
N HIS A 519 -1.72 -2.45 -4.18
CA HIS A 519 -1.21 -2.60 -5.54
C HIS A 519 -0.70 -4.02 -5.76
N ALA A 520 -1.21 -4.64 -6.82
CA ALA A 520 -0.77 -5.99 -7.16
C ALA A 520 0.66 -5.90 -7.64
N THR A 521 1.54 -6.67 -7.02
CA THR A 521 2.97 -6.57 -7.34
C THR A 521 3.21 -6.85 -8.81
N ASP A 522 3.95 -5.97 -9.48
CA ASP A 522 4.26 -6.20 -10.89
C ASP A 522 5.30 -7.31 -11.08
N HIS A 523 5.11 -8.13 -12.11
CA HIS A 523 6.08 -9.11 -12.50
C HIS A 523 6.46 -8.90 -13.94
N ALA A 524 7.57 -9.50 -14.32
CA ALA A 524 8.02 -9.51 -15.69
C ALA A 524 7.08 -10.39 -16.50
N ILE A 525 7.00 -10.12 -17.79
CA ILE A 525 6.31 -11.02 -18.70
C ILE A 525 7.31 -11.47 -19.76
N PHE A 526 6.88 -12.35 -20.64
CA PHE A 526 7.75 -12.88 -21.67
C PHE A 526 7.69 -12.03 -22.93
N ARG A 527 6.53 -11.38 -23.17
CA ARG A 527 6.28 -10.64 -24.40
C ARG A 527 5.05 -9.74 -24.25
N THR A 528 5.17 -8.45 -24.59
CA THR A 528 4.04 -7.57 -24.32
C THR A 528 3.13 -7.43 -25.55
N THR A 529 3.66 -7.59 -26.77
CA THR A 529 2.79 -7.71 -27.94
C THR A 529 2.17 -9.11 -28.02
N LYS A 530 0.90 -9.16 -28.42
CA LYS A 530 0.13 -10.38 -28.31
C LYS A 530 0.26 -11.28 -29.56
N THR A 531 1.14 -10.90 -30.47
CA THR A 531 1.38 -11.69 -31.67
C THR A 531 2.80 -12.29 -31.68
N ASN A 532 2.96 -13.40 -32.39
CA ASN A 532 4.27 -14.01 -32.62
C ASN A 532 4.62 -13.93 -34.09
N ASN A 533 5.54 -13.03 -34.43
CA ASN A 533 5.81 -12.69 -35.82
C ASN A 533 6.62 -13.75 -36.57
N CYS A 534 6.25 -14.99 -36.37
CA CYS A 534 6.79 -16.09 -37.16
C CYS A 534 5.64 -17.02 -37.51
N PRO A 535 5.50 -17.34 -38.81
CA PRO A 535 4.40 -18.17 -39.30
C PRO A 535 4.36 -19.55 -38.64
N GLU A 536 3.16 -20.12 -38.53
CA GLU A 536 2.96 -21.39 -37.83
C GLU A 536 3.72 -22.52 -38.51
N PHE A 537 3.78 -22.50 -39.84
CA PHE A 537 4.68 -23.40 -40.51
C PHE A 537 6.09 -22.92 -40.18
N LEU A 538 7.00 -23.85 -39.93
CA LEU A 538 8.39 -23.56 -39.53
C LEU A 538 8.53 -23.07 -38.08
N CYS A 539 7.43 -22.73 -37.41
CA CYS A 539 7.54 -22.26 -36.03
C CYS A 539 6.52 -22.86 -35.05
N GLY A 540 5.41 -23.39 -35.56
CA GLY A 540 4.44 -24.08 -34.72
C GLY A 540 3.89 -23.29 -33.55
N VAL A 541 3.51 -24.00 -32.48
CA VAL A 541 2.96 -23.37 -31.29
C VAL A 541 3.85 -22.23 -30.78
N ASP A 542 3.20 -21.14 -30.39
CA ASP A 542 3.86 -19.97 -29.81
C ASP A 542 4.68 -20.37 -28.59
N TRP A 543 5.92 -19.92 -28.55
CA TRP A 543 6.80 -20.27 -27.44
C TRP A 543 6.25 -19.73 -26.13
N VAL A 544 5.53 -18.62 -26.21
CA VAL A 544 4.80 -18.07 -25.08
C VAL A 544 3.78 -19.07 -24.55
N THR A 545 2.99 -19.63 -25.45
CA THR A 545 2.06 -20.70 -25.12
C THR A 545 2.80 -21.93 -24.57
N ARG A 546 3.97 -22.22 -25.15
CA ARG A 546 4.70 -23.43 -24.76
C ARG A 546 5.21 -23.33 -23.33
N ILE A 547 5.66 -22.15 -22.93
CA ILE A 547 6.07 -21.95 -21.55
C ILE A 547 4.89 -22.20 -20.60
N LYS A 548 3.72 -21.69 -20.96
CA LYS A 548 2.53 -21.88 -20.15
C LYS A 548 2.12 -23.36 -20.05
N ASN A 549 2.16 -24.07 -21.18
CA ASN A 549 1.89 -25.52 -21.16
C ASN A 549 2.93 -26.30 -20.36
N ALA A 550 4.19 -25.90 -20.48
CA ALA A 550 5.24 -26.69 -19.88
C ALA A 550 5.21 -26.58 -18.36
N GLU A 551 4.62 -25.50 -17.85
CA GLU A 551 4.52 -25.31 -16.41
C GLU A 551 3.08 -25.49 -15.88
N ASN A 552 2.18 -25.98 -16.75
CA ASN A 552 0.76 -26.11 -16.40
C ASN A 552 0.47 -27.10 -15.26
N SER A 553 1.11 -28.27 -15.28
CA SER A 553 0.89 -29.30 -14.27
C SER A 553 1.22 -28.83 -12.88
N VAL A 554 2.42 -28.28 -12.69
CA VAL A 554 2.84 -27.80 -11.38
C VAL A 554 2.02 -26.58 -10.96
N ASN A 555 1.50 -25.84 -11.94
CA ASN A 555 0.66 -24.70 -11.66
C ASN A 555 -0.75 -25.16 -11.27
N GLN A 556 -1.22 -26.24 -11.87
CA GLN A 556 -2.54 -26.77 -11.51
C GLN A 556 -2.55 -27.38 -10.10
N LYS A 557 -1.45 -28.00 -9.68
CA LYS A 557 -1.39 -28.59 -8.35
C LYS A 557 -1.20 -27.55 -7.23
N ASN A 558 -0.46 -26.48 -7.53
CA ASN A 558 -0.26 -25.45 -6.52
C ASN A 558 -1.25 -24.30 -6.66
N LYS A 559 -2.05 -24.34 -7.72
CA LYS A 559 -2.95 -23.24 -8.10
C LYS A 559 -2.17 -21.91 -8.31
N THR A 560 -1.12 -21.97 -9.11
CA THR A 560 -0.32 -20.79 -9.45
C THR A 560 -0.19 -20.56 -10.96
N THR A 561 -1.29 -20.62 -11.69
CA THR A 561 -1.25 -20.34 -13.13
C THR A 561 -0.87 -18.88 -13.46
N TYR A 562 -0.99 -18.00 -12.47
CA TYR A 562 -0.64 -16.60 -12.65
C TYR A 562 0.86 -16.37 -12.96
N LYS A 563 1.68 -17.40 -12.72
CA LYS A 563 3.13 -17.32 -12.88
C LYS A 563 3.57 -17.47 -14.32
N SER A 564 2.70 -18.02 -15.15
CA SER A 564 3.10 -18.37 -16.50
C SER A 564 2.10 -17.88 -17.54
N ASN A 565 1.22 -16.97 -17.15
CA ASN A 565 0.17 -16.51 -18.05
C ASN A 565 0.54 -15.26 -18.83
N ASN A 566 1.82 -14.89 -18.81
CA ASN A 566 2.28 -13.70 -19.55
C ASN A 566 1.52 -12.39 -19.21
N GLN A 567 0.98 -12.27 -18.00
CA GLN A 567 0.37 -11.01 -17.55
C GLN A 567 1.20 -10.39 -16.44
N VAL A 568 1.23 -9.06 -16.40
CA VAL A 568 2.11 -8.33 -15.49
C VAL A 568 1.77 -8.60 -14.04
N SER A 569 0.47 -8.68 -13.75
CA SER A 569 0.00 -9.14 -12.45
C SER A 569 -1.31 -9.86 -12.67
N ASP A 570 -1.85 -10.44 -11.61
CA ASP A 570 -3.10 -11.19 -11.70
C ASP A 570 -3.96 -10.90 -10.48
N LEU A 571 -5.27 -10.77 -10.66
CA LEU A 571 -6.19 -10.53 -9.56
C LEU A 571 -6.19 -11.65 -8.50
N SER A 572 -5.79 -12.85 -8.91
CA SER A 572 -5.74 -13.98 -8.00
C SER A 572 -4.34 -14.24 -7.43
N GLN A 573 -3.35 -13.39 -7.74
CA GLN A 573 -2.02 -13.62 -7.18
C GLN A 573 -2.03 -13.24 -5.69
N PRO A 574 -1.12 -13.80 -4.89
CA PRO A 574 -1.20 -13.49 -3.46
C PRO A 574 -0.35 -12.30 -3.08
N ASP A 575 0.52 -11.87 -3.99
CA ASP A 575 1.49 -10.84 -3.64
C ASP A 575 0.97 -9.43 -3.94
N TRP A 576 0.59 -8.75 -2.87
CA TRP A 576 0.03 -7.41 -2.93
C TRP A 576 0.73 -6.48 -1.97
N GLU A 577 0.99 -5.27 -2.45
CA GLU A 577 1.52 -4.21 -1.62
C GLU A 577 0.41 -3.47 -0.89
N THR A 578 0.54 -3.38 0.42
CA THR A 578 -0.41 -2.64 1.24
C THR A 578 -0.09 -1.15 1.18
N ARG A 579 -1.13 -0.33 1.03
CA ARG A 579 -0.93 1.09 0.81
C ARG A 579 -1.57 1.86 1.95
N LYS A 580 -0.98 2.99 2.30
CA LYS A 580 -1.49 3.81 3.39
C LYS A 580 -2.30 5.00 2.84
N PHE A 581 -3.49 5.17 3.38
CA PHE A 581 -4.31 6.31 3.06
C PHE A 581 -4.63 6.99 4.39
N ARG A 582 -4.05 8.18 4.53
CA ARG A 582 -4.19 9.02 5.70
C ARG A 582 -4.73 10.37 5.28
N PHE A 583 -5.70 10.88 6.04
CA PHE A 583 -6.29 12.18 5.77
C PHE A 583 -7.08 12.68 6.96
N ASP A 584 -7.11 13.99 7.17
CA ASP A 584 -7.92 14.53 8.25
C ASP A 584 -9.38 14.25 7.96
N ASN A 585 -9.79 14.54 6.73
CA ASN A 585 -11.17 14.36 6.34
C ASN A 585 -11.36 13.95 4.88
N LEU A 586 -12.23 12.98 4.68
CA LEU A 586 -12.77 12.71 3.36
C LEU A 586 -14.24 13.16 3.31
N ASN A 587 -14.56 14.00 2.34
CA ASN A 587 -15.95 14.30 2.04
C ASN A 587 -16.42 13.66 0.74
N ILE A 588 -17.56 12.96 0.77
CA ILE A 588 -18.17 12.40 -0.44
C ILE A 588 -19.57 12.92 -0.63
N GLU A 589 -19.89 13.31 -1.85
CA GLU A 589 -21.26 13.70 -2.18
C GLU A 589 -21.74 12.90 -3.39
N ASP A 590 -22.91 12.27 -3.25
CA ASP A 590 -23.57 11.59 -4.36
C ASP A 590 -22.72 10.61 -5.18
N SER A 591 -21.86 9.85 -4.51
CA SER A 591 -21.07 8.86 -5.23
C SER A 591 -20.70 7.70 -4.32
N SER A 592 -19.61 7.01 -4.61
CA SER A 592 -19.27 5.93 -3.70
C SER A 592 -17.79 5.86 -3.38
N LEU A 593 -17.53 5.47 -2.16
CA LEU A 593 -16.19 5.25 -1.69
C LEU A 593 -16.02 3.76 -1.41
N SER A 594 -15.02 3.15 -2.04
CA SER A 594 -14.70 1.75 -1.84
C SER A 594 -13.28 1.61 -1.30
N ILE A 595 -13.16 0.86 -0.20
CA ILE A 595 -11.87 0.46 0.29
C ILE A 595 -11.79 -1.03 0.00
N ALA A 596 -10.79 -1.39 -0.81
CA ALA A 596 -10.64 -2.74 -1.29
C ALA A 596 -9.37 -3.33 -0.74
N ARG A 597 -8.97 -4.48 -1.26
CA ARG A 597 -7.97 -5.33 -0.60
C ARG A 597 -6.64 -4.59 -0.39
N ASN A 598 -6.06 -4.77 0.79
CA ASN A 598 -4.75 -4.20 1.10
C ASN A 598 -4.67 -2.67 1.07
N ALA A 599 -5.81 -2.01 1.30
CA ALA A 599 -5.78 -0.60 1.68
C ALA A 599 -5.83 -0.49 3.21
N ASP A 600 -4.98 0.37 3.74
CA ASP A 600 -4.91 0.69 5.15
C ASP A 600 -5.32 2.16 5.25
N VAL A 601 -6.60 2.39 5.61
CA VAL A 601 -7.20 3.71 5.56
C VAL A 601 -7.47 4.28 6.93
N GLU A 602 -7.05 5.52 7.15
CA GLU A 602 -7.27 6.18 8.41
C GLU A 602 -7.57 7.68 8.24
N GLY A 603 -8.75 8.05 8.73
CA GLY A 603 -9.15 9.43 8.86
C GLY A 603 -10.67 9.51 8.98
N ASN A 604 -11.21 10.71 9.12
CA ASN A 604 -12.65 10.87 9.29
C ASN A 604 -13.44 11.00 8.01
N ILE A 605 -14.54 10.28 7.91
CA ILE A 605 -15.36 10.33 6.71
C ILE A 605 -16.64 11.13 6.94
N GLN A 606 -16.90 12.11 6.09
CA GLN A 606 -18.21 12.76 6.01
C GLN A 606 -18.86 12.33 4.70
N ALA A 607 -20.09 11.79 4.78
CA ALA A 607 -20.73 11.25 3.58
C ALA A 607 -22.13 11.79 3.41
N LYS A 608 -22.46 12.15 2.18
CA LYS A 608 -23.78 12.65 1.88
C LYS A 608 -24.32 11.92 0.66
N ASN A 609 -25.50 11.32 0.81
CA ASN A 609 -26.15 10.57 -0.26
C ASN A 609 -25.15 9.71 -1.04
N SER A 610 -24.30 9.01 -0.32
CA SER A 610 -23.21 8.27 -0.91
C SER A 610 -23.11 6.85 -0.35
N VAL A 611 -22.45 5.99 -1.11
CA VAL A 611 -22.23 4.60 -0.74
C VAL A 611 -20.79 4.37 -0.30
N ILE A 612 -20.63 3.73 0.86
CA ILE A 612 -19.30 3.39 1.37
C ILE A 612 -19.15 1.88 1.53
N ASN A 613 -18.31 1.28 0.70
CA ASN A 613 -18.03 -0.14 0.84
C ASN A 613 -16.64 -0.35 1.42
N ILE A 614 -16.59 -0.63 2.70
CA ILE A 614 -15.34 -0.99 3.38
C ILE A 614 -15.11 -2.47 3.29
N GLY A 615 -13.96 -2.85 2.73
CA GLY A 615 -13.67 -4.24 2.44
C GLY A 615 -14.42 -4.73 1.21
N ASP A 616 -14.49 -3.87 0.20
CA ASP A 616 -15.09 -4.20 -1.09
C ASP A 616 -14.29 -5.29 -1.80
N LYS A 617 -15.00 -6.17 -2.49
CA LYS A 617 -14.39 -7.36 -3.09
C LYS A 617 -13.78 -7.09 -4.44
N THR A 618 -14.13 -5.95 -5.03
CA THR A 618 -13.67 -5.64 -6.37
C THR A 618 -12.36 -4.89 -6.33
N ALA A 619 -11.34 -5.48 -6.95
CA ALA A 619 -10.04 -4.84 -7.02
C ALA A 619 -9.67 -4.62 -8.48
N TYR A 620 -8.79 -3.65 -8.72
CA TYR A 620 -8.41 -3.27 -10.08
C TYR A 620 -6.93 -3.49 -10.34
N ILE A 621 -6.61 -3.97 -11.52
CA ILE A 621 -5.21 -4.05 -11.93
C ILE A 621 -5.03 -3.43 -13.30
N ASP A 622 -3.78 -3.06 -13.58
CA ASP A 622 -3.39 -2.36 -14.78
C ASP A 622 -2.48 -3.30 -15.57
N LEU A 623 -2.92 -3.73 -16.74
CA LEU A 623 -2.11 -4.59 -17.57
C LEU A 623 -0.79 -3.95 -18.07
N TYR A 624 -0.63 -2.64 -17.89
CA TYR A 624 0.61 -1.99 -18.26
C TYR A 624 1.22 -1.25 -17.09
N SER A 625 0.77 -1.63 -15.90
CA SER A 625 1.41 -1.18 -14.67
C SER A 625 2.94 -1.35 -14.75
N GLY A 626 3.68 -0.31 -14.39
CA GLY A 626 5.12 -0.38 -14.41
C GLY A 626 5.69 -0.17 -15.80
N LYS A 627 4.87 -0.25 -16.84
CA LYS A 627 5.33 0.08 -18.19
C LYS A 627 4.31 0.94 -18.94
N ASN A 628 3.84 2.00 -18.27
CA ASN A 628 2.79 2.86 -18.80
C ASN A 628 3.28 3.93 -19.78
N ILE A 629 4.58 4.26 -19.72
CA ILE A 629 5.10 5.27 -20.61
C ILE A 629 5.63 4.68 -21.93
N THR A 630 5.21 5.29 -23.04
CA THR A 630 5.56 4.78 -24.37
C THR A 630 6.19 5.82 -25.27
N GLY A 631 6.40 5.45 -26.54
CA GLY A 631 7.02 6.34 -27.51
C GLY A 631 8.35 6.95 -27.08
N ALA A 632 8.44 8.26 -27.20
CA ALA A 632 9.59 9.02 -26.77
C ALA A 632 9.51 9.37 -25.31
N GLY A 633 8.47 8.88 -24.63
CA GLY A 633 8.30 9.17 -23.21
C GLY A 633 7.27 10.26 -22.89
N PHE A 634 6.36 10.48 -23.80
CA PHE A 634 5.38 11.57 -23.69
C PHE A 634 4.04 11.07 -24.12
N THR A 635 3.89 9.76 -24.05
CA THR A 635 2.61 9.12 -24.33
C THR A 635 2.39 8.09 -23.23
N PHE A 636 1.13 7.89 -22.88
CA PHE A 636 0.75 7.08 -21.74
C PHE A 636 -0.31 6.07 -22.13
N ARG A 637 -0.12 4.84 -21.67
CA ARG A 637 -1.03 3.74 -21.94
C ARG A 637 -1.56 3.18 -20.61
N GLN A 638 -2.81 2.74 -20.59
CA GLN A 638 -3.34 2.05 -19.42
C GLN A 638 -4.50 1.14 -19.83
N ASP A 639 -4.53 -0.05 -19.27
CA ASP A 639 -5.58 -1.03 -19.55
C ASP A 639 -5.98 -1.72 -18.26
N ILE A 640 -7.21 -1.50 -17.86
CA ILE A 640 -7.65 -1.89 -16.53
C ILE A 640 -8.53 -3.13 -16.54
N LYS A 641 -8.23 -4.06 -15.66
CA LYS A 641 -9.14 -5.17 -15.39
C LYS A 641 -9.57 -5.17 -13.94
N SER A 642 -10.77 -5.66 -13.70
CA SER A 642 -11.25 -5.78 -12.34
C SER A 642 -11.95 -7.10 -12.16
N GLY A 643 -12.09 -7.52 -10.90
CA GLY A 643 -12.78 -8.73 -10.56
C GLY A 643 -12.67 -8.95 -9.06
N ASP A 644 -13.30 -10.00 -8.59
CA ASP A 644 -13.20 -10.37 -7.19
C ASP A 644 -11.75 -10.64 -6.80
N SER A 645 -11.32 -10.04 -5.71
CA SER A 645 -10.03 -10.38 -5.13
C SER A 645 -10.05 -9.97 -3.69
N ILE A 646 -10.25 -10.96 -2.83
CA ILE A 646 -10.54 -10.70 -1.43
C ILE A 646 -9.24 -10.73 -0.64
N GLY A 647 -9.06 -9.72 0.21
CA GLY A 647 -7.89 -9.62 1.06
C GLY A 647 -8.19 -8.67 2.20
N GLU A 648 -7.31 -8.64 3.19
CA GLU A 648 -7.50 -7.79 4.36
C GLU A 648 -7.57 -6.31 4.00
N SER A 649 -8.47 -5.58 4.65
CA SER A 649 -8.56 -4.13 4.51
C SER A 649 -8.80 -3.45 5.84
N LYS A 650 -8.33 -2.21 5.98
CA LYS A 650 -8.45 -1.53 7.27
C LYS A 650 -9.04 -0.12 7.18
N PHE A 651 -10.07 0.13 7.97
CA PHE A 651 -10.50 1.51 8.19
C PHE A 651 -10.47 1.84 9.66
N THR A 652 -9.90 3.00 9.95
CA THR A 652 -9.78 3.50 11.30
C THR A 652 -10.16 4.99 11.30
N GLY A 653 -11.15 5.33 12.12
CA GLY A 653 -11.59 6.71 12.25
C GLY A 653 -13.07 6.81 12.56
N GLY A 654 -13.75 7.80 11.99
CA GLY A 654 -15.17 7.96 12.25
C GLY A 654 -15.95 8.23 10.99
N ILE A 655 -17.26 8.06 11.07
CA ILE A 655 -18.16 8.24 9.93
C ILE A 655 -19.40 9.11 10.26
N MET A 656 -19.49 10.26 9.59
CA MET A 656 -20.70 11.08 9.61
C MET A 656 -21.37 11.00 8.25
N ALA A 657 -22.56 10.42 8.21
CA ALA A 657 -23.22 10.15 6.94
C ALA A 657 -24.69 10.56 6.94
N THR A 658 -25.19 10.93 5.78
CA THR A 658 -26.60 11.20 5.59
C THR A 658 -27.06 10.39 4.38
N ASP A 659 -28.09 9.57 4.57
CA ASP A 659 -28.56 8.64 3.53
C ASP A 659 -27.47 7.74 2.96
N GLY A 660 -27.68 7.25 1.74
CA GLY A 660 -26.76 6.32 1.10
C GLY A 660 -26.76 4.97 1.82
N SER A 661 -25.59 4.35 1.94
CA SER A 661 -25.43 3.15 2.75
C SER A 661 -23.96 2.83 3.09
N ILE A 662 -23.75 1.99 4.10
CA ILE A 662 -22.43 1.56 4.48
C ILE A 662 -22.35 0.05 4.54
N SER A 663 -21.25 -0.51 4.03
CA SER A 663 -21.10 -1.95 3.95
C SER A 663 -19.69 -2.33 4.37
N ILE A 664 -19.58 -3.32 5.25
CA ILE A 664 -18.29 -3.77 5.73
C ILE A 664 -18.18 -5.26 5.41
N GLY A 665 -17.21 -5.59 4.56
CA GLY A 665 -17.13 -6.93 4.02
C GLY A 665 -16.06 -7.82 4.63
N ASP A 666 -16.00 -9.04 4.10
CA ASP A 666 -15.09 -10.06 4.60
C ASP A 666 -13.63 -9.58 4.72
N LYS A 667 -13.01 -9.92 5.84
CA LYS A 667 -11.60 -9.65 6.12
C LYS A 667 -11.28 -8.17 6.43
N ALA A 668 -12.27 -7.28 6.31
CA ALA A 668 -12.07 -5.89 6.71
C ALA A 668 -11.95 -5.77 8.23
N ILE A 669 -11.06 -4.89 8.67
CA ILE A 669 -10.93 -4.58 10.09
C ILE A 669 -11.13 -3.09 10.31
N VAL A 670 -12.31 -2.76 10.85
CA VAL A 670 -12.72 -1.40 11.13
C VAL A 670 -12.63 -1.03 12.61
N THR A 671 -12.03 0.12 12.89
CA THR A 671 -11.95 0.67 14.23
C THR A 671 -12.53 2.08 14.35
N LEU A 672 -13.77 2.19 14.78
CA LEU A 672 -14.38 3.49 14.91
C LEU A 672 -13.95 4.14 16.22
N ASN A 673 -12.83 4.86 16.18
CA ASN A 673 -12.33 5.58 17.34
C ASN A 673 -12.59 7.08 17.26
N THR A 674 -13.50 7.45 16.37
CA THR A 674 -13.99 8.82 16.26
C THR A 674 -15.52 8.74 16.20
N VAL A 675 -16.19 9.71 16.82
CA VAL A 675 -17.65 9.68 16.95
C VAL A 675 -18.37 9.53 15.62
N SER A 676 -19.25 8.54 15.53
CA SER A 676 -19.98 8.27 14.30
C SER A 676 -21.46 8.62 14.40
N SER A 677 -21.97 9.27 13.36
CA SER A 677 -23.35 9.69 13.30
C SER A 677 -23.98 9.32 11.96
N LEU A 678 -24.90 8.37 11.99
CA LEU A 678 -25.59 7.92 10.78
C LEU A 678 -27.06 8.33 10.81
N ASP A 679 -27.47 9.15 9.85
CA ASP A 679 -28.86 9.58 9.77
C ASP A 679 -29.49 9.03 8.50
N ARG A 680 -30.40 8.07 8.66
CA ARG A 680 -31.02 7.38 7.53
C ARG A 680 -29.93 6.65 6.74
N THR A 681 -28.90 6.25 7.45
CA THR A 681 -27.76 5.59 6.83
C THR A 681 -27.57 4.14 7.30
N ALA A 682 -28.10 3.20 6.52
CA ALA A 682 -28.06 1.79 6.90
C ALA A 682 -26.65 1.18 6.92
N LEU A 683 -26.34 0.47 8.01
CA LEU A 683 -25.03 -0.12 8.21
C LEU A 683 -25.09 -1.64 8.17
N THR A 684 -24.39 -2.25 7.22
CA THR A 684 -24.40 -3.71 7.14
C THR A 684 -23.01 -4.29 7.30
N ILE A 685 -22.84 -5.08 8.36
CA ILE A 685 -21.58 -5.74 8.67
C ILE A 685 -21.66 -7.19 8.25
N HIS A 686 -20.93 -7.55 7.18
CA HIS A 686 -21.04 -8.89 6.61
C HIS A 686 -20.20 -9.93 7.33
N LYS A 687 -20.46 -11.20 7.02
CA LYS A 687 -19.72 -12.32 7.58
C LYS A 687 -18.24 -12.22 7.26
N GLY A 688 -17.41 -12.32 8.29
CA GLY A 688 -15.98 -12.19 8.11
C GLY A 688 -15.37 -10.83 8.39
N ALA A 689 -16.18 -9.88 8.86
CA ALA A 689 -15.67 -8.55 9.24
C ALA A 689 -15.48 -8.43 10.76
N ASN A 690 -14.51 -7.61 11.16
CA ASN A 690 -14.28 -7.26 12.56
C ASN A 690 -14.44 -5.76 12.76
N VAL A 691 -15.52 -5.38 13.42
CA VAL A 691 -15.79 -3.99 13.69
C VAL A 691 -15.76 -3.70 15.18
N THR A 692 -14.85 -2.84 15.57
CA THR A 692 -14.76 -2.37 16.95
C THR A 692 -15.01 -0.86 16.98
N ALA A 693 -15.98 -0.44 17.76
CA ALA A 693 -16.30 0.98 17.89
C ALA A 693 -16.04 1.47 19.31
N SER A 694 -14.88 2.08 19.53
CA SER A 694 -14.48 2.54 20.85
C SER A 694 -14.97 3.95 21.09
N SER A 695 -15.68 4.46 20.10
CA SER A 695 -16.16 5.83 20.12
C SER A 695 -17.67 5.80 19.89
N SER A 696 -18.38 6.77 20.45
CA SER A 696 -19.84 6.82 20.33
C SER A 696 -20.38 6.62 18.91
N LEU A 697 -21.44 5.83 18.78
CA LEU A 697 -22.11 5.66 17.50
C LEU A 697 -23.62 5.81 17.62
N PHE A 698 -24.16 6.88 17.04
CA PHE A 698 -25.59 7.13 17.01
C PHE A 698 -26.12 6.93 15.61
N THR A 699 -27.30 6.35 15.50
CA THR A 699 -27.89 6.09 14.20
C THR A 699 -29.41 6.10 14.25
N THR A 700 -30.02 6.86 13.36
CA THR A 700 -31.47 6.91 13.26
C THR A 700 -31.99 5.72 12.49
N SER A 701 -31.05 4.86 12.07
CA SER A 701 -31.34 3.68 11.28
C SER A 701 -30.86 2.44 12.03
N ASN A 702 -30.68 1.35 11.29
CA ASN A 702 -30.32 0.07 11.88
C ASN A 702 -28.96 -0.49 11.42
N ILE A 703 -28.44 -1.43 12.19
CA ILE A 703 -27.17 -2.10 11.92
C ILE A 703 -27.39 -3.59 11.80
N LYS A 704 -27.07 -4.15 10.65
CA LYS A 704 -27.14 -5.60 10.45
C LYS A 704 -25.74 -6.17 10.48
N SER A 705 -25.56 -7.29 11.18
CA SER A 705 -24.21 -7.83 11.40
C SER A 705 -24.13 -9.36 11.48
N GLY A 706 -23.35 -9.93 10.57
CA GLY A 706 -23.11 -11.35 10.50
C GLY A 706 -21.65 -11.63 10.80
N GLY A 707 -20.96 -10.61 11.31
CA GLY A 707 -19.57 -10.73 11.69
C GLY A 707 -19.36 -10.47 13.18
N ASP A 708 -18.19 -9.96 13.54
CA ASP A 708 -17.92 -9.54 14.92
C ASP A 708 -18.13 -8.04 15.07
N LEU A 709 -18.99 -7.66 16.00
CA LEU A 709 -19.20 -6.26 16.36
C LEU A 709 -19.00 -6.04 17.85
N THR A 710 -18.06 -5.18 18.18
CA THR A 710 -17.71 -4.89 19.56
C THR A 710 -17.85 -3.40 19.85
N LEU A 711 -18.52 -3.09 20.95
CA LEU A 711 -18.78 -1.72 21.33
C LEU A 711 -18.21 -1.44 22.72
N THR A 712 -17.32 -0.47 22.82
CA THR A 712 -16.58 -0.22 24.05
C THR A 712 -16.38 1.25 24.33
N GLY A 713 -16.13 1.57 25.60
CA GLY A 713 -15.78 2.94 25.97
C GLY A 713 -14.52 3.39 25.26
N ALA A 714 -14.26 4.68 25.29
CA ALA A 714 -13.03 5.20 24.69
C ALA A 714 -11.84 4.70 25.50
N THR A 715 -11.16 3.68 24.98
CA THR A 715 -10.01 3.11 25.67
C THR A 715 -8.76 3.91 25.33
N GLU A 716 -8.97 5.11 24.79
CA GLU A 716 -7.87 5.99 24.42
C GLU A 716 -7.72 7.15 25.40
N SER A 717 -7.70 8.38 24.88
CA SER A 717 -7.39 9.58 25.64
C SER A 717 -5.99 9.51 26.27
N THR A 718 -5.82 8.70 27.31
CA THR A 718 -4.55 8.58 28.00
C THR A 718 -3.78 7.36 27.48
N GLY A 719 -2.48 7.30 27.76
CA GLY A 719 -1.69 6.11 27.52
C GLY A 719 -2.23 4.96 28.35
N GLU A 720 -2.94 5.31 29.42
CA GLU A 720 -3.78 4.38 30.15
C GLU A 720 -5.21 4.90 30.07
N ILE A 721 -6.03 4.61 31.09
CA ILE A 721 -7.30 5.32 31.32
C ILE A 721 -8.40 5.10 30.25
N THR A 722 -9.65 5.00 30.70
CA THR A 722 -10.80 4.90 29.79
C THR A 722 -12.01 5.75 30.21
N PRO A 723 -12.43 6.70 29.35
CA PRO A 723 -13.76 7.31 29.51
C PRO A 723 -14.82 6.61 28.66
N SER A 724 -16.09 6.79 29.03
CA SER A 724 -17.19 6.04 28.44
C SER A 724 -17.85 6.75 27.27
N MET A 725 -18.88 6.12 26.68
CA MET A 725 -19.66 6.73 25.59
C MET A 725 -20.96 5.95 25.27
N PHE A 726 -21.70 6.39 24.26
CA PHE A 726 -23.02 5.78 23.96
C PHE A 726 -23.13 5.13 22.59
N TYR A 727 -24.03 4.15 22.48
CA TYR A 727 -24.40 3.60 21.20
C TYR A 727 -25.91 3.52 21.06
N ALA A 728 -26.49 4.40 20.25
CA ALA A 728 -27.91 4.35 19.96
C ALA A 728 -28.13 3.86 18.53
N ALA A 729 -29.07 2.94 18.37
CA ALA A 729 -29.54 2.54 17.06
C ALA A 729 -31.06 2.48 17.07
N GLY A 730 -31.70 3.56 16.62
CA GLY A 730 -33.14 3.68 16.64
C GLY A 730 -33.84 2.53 15.95
N GLY A 731 -33.23 2.02 14.88
CA GLY A 731 -33.81 0.95 14.09
C GLY A 731 -33.39 -0.42 14.59
N TYR A 732 -32.70 -0.41 15.73
CA TYR A 732 -32.24 -1.61 16.41
C TYR A 732 -31.04 -2.22 15.69
N GLU A 733 -30.47 -3.26 16.28
CA GLU A 733 -29.46 -4.06 15.61
C GLU A 733 -29.98 -5.47 15.37
N LEU A 734 -29.55 -6.08 14.28
CA LEU A 734 -30.03 -7.39 13.84
C LEU A 734 -28.85 -8.28 13.51
N THR A 735 -28.86 -9.50 14.04
CA THR A 735 -27.75 -10.43 13.83
C THR A 735 -28.12 -11.52 12.81
N GLU A 736 -27.18 -11.85 11.93
CA GLU A 736 -27.49 -12.53 10.67
C GLU A 736 -26.84 -13.89 10.45
N ASP A 737 -25.95 -14.29 11.35
CA ASP A 737 -25.24 -15.56 11.27
C ASP A 737 -24.87 -16.03 12.68
N GLY A 738 -24.13 -17.14 12.78
CA GLY A 738 -23.51 -17.49 14.05
C GLY A 738 -22.44 -16.46 14.41
N ALA A 739 -22.88 -15.24 14.72
CA ALA A 739 -22.01 -14.08 14.82
C ALA A 739 -21.65 -13.68 16.25
N ASN A 740 -20.98 -12.54 16.38
CA ASN A 740 -20.64 -11.97 17.70
C ASN A 740 -21.02 -10.51 17.83
N PHE A 741 -21.76 -10.23 18.90
CA PHE A 741 -22.15 -8.88 19.24
C PHE A 741 -21.75 -8.64 20.70
N THR A 742 -20.65 -7.92 20.87
CA THR A 742 -20.06 -7.70 22.17
C THR A 742 -20.10 -6.24 22.62
N ALA A 743 -20.62 -6.01 23.83
CA ALA A 743 -20.58 -4.70 24.45
C ALA A 743 -19.88 -4.82 25.80
N LYS A 744 -18.98 -3.90 26.09
CA LYS A 744 -18.14 -3.99 27.28
C LYS A 744 -17.38 -2.70 27.56
N ASN A 745 -16.77 -2.63 28.74
CA ASN A 745 -15.89 -1.52 29.10
C ASN A 745 -16.53 -0.14 28.99
N GLN A 746 -17.46 0.16 29.89
CA GLN A 746 -18.12 1.46 29.95
C GLN A 746 -18.81 1.81 28.63
N ALA A 747 -19.63 0.87 28.17
CA ALA A 747 -20.45 1.02 27.00
C ALA A 747 -21.93 1.11 27.40
N SER A 748 -22.61 2.13 26.92
CA SER A 748 -24.05 2.26 27.16
C SER A 748 -24.81 2.12 25.85
N VAL A 749 -25.51 1.00 25.68
CA VAL A 749 -26.08 0.61 24.39
C VAL A 749 -27.60 0.67 24.38
N THR A 750 -28.15 1.51 23.51
CA THR A 750 -29.60 1.64 23.39
C THR A 750 -30.05 1.09 22.04
N GLY A 751 -31.24 0.50 22.00
CA GLY A 751 -31.81 0.02 20.75
C GLY A 751 -31.94 -1.49 20.76
N ASP A 752 -33.10 -1.98 20.33
CA ASP A 752 -33.42 -3.40 20.44
C ASP A 752 -32.44 -4.26 19.66
N ILE A 753 -32.34 -5.52 20.03
CA ILE A 753 -31.52 -6.44 19.25
C ILE A 753 -32.29 -7.72 18.97
N LYS A 754 -32.40 -8.04 17.68
CA LYS A 754 -33.14 -9.19 17.24
C LYS A 754 -32.23 -10.09 16.42
N SER A 755 -32.57 -11.37 16.36
CA SER A 755 -31.79 -12.36 15.64
C SER A 755 -32.51 -13.69 15.59
N GLU A 756 -32.35 -14.43 14.49
CA GLU A 756 -32.86 -15.79 14.46
C GLU A 756 -31.79 -16.79 14.03
N LYS A 757 -30.53 -16.41 14.18
CA LYS A 757 -29.42 -17.34 14.04
C LYS A 757 -28.88 -17.73 15.42
N ALA A 758 -27.95 -18.67 15.44
CA ALA A 758 -27.27 -19.03 16.67
C ALA A 758 -26.18 -18.00 16.97
N ALA A 759 -26.54 -16.90 17.62
CA ALA A 759 -25.57 -15.84 17.88
C ALA A 759 -25.10 -15.89 19.33
N LYS A 760 -24.14 -15.03 19.67
CA LYS A 760 -23.53 -15.10 20.99
C LYS A 760 -23.37 -13.74 21.65
N LEU A 761 -22.97 -13.75 22.92
CA LEU A 761 -22.35 -12.60 23.57
C LEU A 761 -23.33 -11.44 23.85
N SER A 762 -23.05 -10.54 24.80
CA SER A 762 -21.79 -10.44 25.57
C SER A 762 -21.90 -9.69 26.89
N PHE A 763 -22.58 -8.55 26.83
CA PHE A 763 -22.54 -7.43 27.80
C PHE A 763 -21.60 -7.57 29.01
N GLY A 764 -20.65 -6.65 29.11
CA GLY A 764 -19.82 -6.59 30.30
C GLY A 764 -18.45 -7.23 30.15
N SER A 765 -17.44 -6.51 30.65
CA SER A 765 -16.06 -6.98 30.63
C SER A 765 -15.93 -8.32 31.35
N ALA A 766 -15.65 -9.37 30.58
CA ALA A 766 -15.50 -10.71 31.13
C ALA A 766 -14.33 -10.79 32.10
N ASP A 767 -14.59 -10.40 33.36
CA ASP A 767 -13.60 -10.41 34.44
C ASP A 767 -12.41 -9.48 34.17
N LYS A 768 -12.49 -8.65 33.14
CA LYS A 768 -11.44 -7.69 32.83
C LYS A 768 -11.54 -6.45 33.72
N ASP A 769 -12.52 -6.45 34.62
CA ASP A 769 -12.72 -5.33 35.53
C ASP A 769 -13.09 -5.78 36.93
N ASN A 770 -13.47 -4.83 37.77
CA ASN A 770 -13.81 -5.11 39.16
C ASN A 770 -14.68 -3.99 39.75
N SER A 771 -14.23 -3.44 40.88
CA SER A 771 -14.98 -2.38 41.55
C SER A 771 -14.21 -1.05 41.52
N ALA A 772 -12.90 -1.15 41.39
CA ALA A 772 -12.04 0.03 41.31
C ALA A 772 -12.38 0.85 40.08
N THR A 773 -13.33 1.77 40.22
CA THR A 773 -13.79 2.56 39.09
C THR A 773 -12.98 3.84 38.91
N ARG A 774 -12.52 4.07 37.68
CA ARG A 774 -11.90 5.34 37.33
C ARG A 774 -12.96 6.17 36.59
N TYR A 775 -12.52 7.18 35.85
CA TYR A 775 -13.39 8.12 35.14
C TYR A 775 -14.34 8.85 36.09
N SER A 776 -15.15 9.75 35.53
CA SER A 776 -16.10 10.51 36.33
C SER A 776 -17.17 9.59 36.89
N GLN A 777 -17.39 9.67 38.20
CA GLN A 777 -18.46 8.91 38.83
C GLN A 777 -19.78 9.62 38.58
N PHE A 778 -19.70 10.79 37.94
CA PHE A 778 -20.86 11.47 37.39
C PHE A 778 -21.13 10.91 35.99
N ALA A 779 -20.14 10.20 35.47
CA ALA A 779 -20.28 9.45 34.23
C ALA A 779 -20.53 7.98 34.58
N LEU A 780 -21.02 7.77 35.80
CA LEU A 780 -21.38 6.44 36.28
C LEU A 780 -22.89 6.38 36.47
N ALA A 781 -23.52 7.55 36.34
CA ALA A 781 -24.98 7.65 36.41
C ALA A 781 -25.59 7.34 35.05
N MET A 782 -24.81 6.67 34.22
CA MET A 782 -25.22 6.31 32.86
C MET A 782 -25.03 4.82 32.66
N LEU A 783 -24.36 4.18 33.62
CA LEU A 783 -24.15 2.74 33.58
C LEU A 783 -24.24 2.06 34.96
N ASP A 784 -24.35 2.86 36.03
CA ASP A 784 -24.40 2.35 37.41
C ASP A 784 -23.15 1.51 37.76
N GLY A 785 -23.09 0.28 37.26
CA GLY A 785 -21.83 -0.40 37.12
C GLY A 785 -21.45 -0.08 35.69
N PHE A 786 -21.34 -1.10 34.83
CA PHE A 786 -21.17 -2.49 35.23
C PHE A 786 -20.03 -3.27 34.52
N ASP A 787 -19.09 -2.67 33.78
CA ASP A 787 -19.14 -1.36 33.18
C ASP A 787 -19.93 -1.42 31.87
N THR A 788 -21.20 -1.80 31.94
CA THR A 788 -21.96 -1.93 30.70
C THR A 788 -23.46 -1.89 30.94
N SER A 789 -24.14 -0.97 30.26
CA SER A 789 -25.59 -0.97 30.29
C SER A 789 -26.11 -1.12 28.88
N TYR A 790 -27.25 -1.81 28.77
CA TYR A 790 -27.97 -1.99 27.52
C TYR A 790 -29.44 -1.72 27.74
N GLN A 791 -30.15 -1.35 26.68
CA GLN A 791 -31.63 -1.35 26.72
C GLN A 791 -32.26 -1.31 25.33
N GLY A 792 -33.23 -2.19 25.09
CA GLY A 792 -33.68 -3.12 26.10
C GLY A 792 -34.72 -4.12 25.62
N SER A 793 -34.48 -4.75 24.49
CA SER A 793 -35.38 -5.80 24.00
C SER A 793 -34.64 -6.80 23.11
N ILE A 794 -34.56 -8.05 23.55
CA ILE A 794 -33.80 -9.07 22.81
C ILE A 794 -34.65 -10.24 22.33
N LYS A 795 -34.97 -10.26 21.04
CA LYS A 795 -35.68 -11.39 20.46
C LYS A 795 -34.72 -12.28 19.68
N ALA A 796 -33.98 -13.11 20.40
CA ALA A 796 -33.07 -14.06 19.78
C ALA A 796 -33.21 -15.46 20.38
N ALA A 797 -34.02 -16.30 19.74
CA ALA A 797 -34.40 -17.60 20.32
C ALA A 797 -33.43 -18.76 20.01
N GLN A 798 -32.22 -18.43 19.57
CA GLN A 798 -31.21 -19.46 19.33
C GLN A 798 -29.87 -19.03 19.90
N SER A 799 -29.84 -17.82 20.45
CA SER A 799 -28.59 -17.14 20.75
C SER A 799 -28.19 -17.20 22.23
N SER A 800 -26.88 -17.07 22.48
CA SER A 800 -26.34 -17.03 23.83
C SER A 800 -26.35 -15.60 24.38
N LEU A 801 -25.97 -15.44 25.64
CA LEU A 801 -25.82 -14.11 26.22
C LEU A 801 -24.98 -14.08 27.49
N ALA A 802 -23.69 -13.81 27.35
CA ALA A 802 -22.81 -13.69 28.51
C ALA A 802 -23.10 -12.41 29.26
N MET A 803 -22.90 -12.41 30.58
CA MET A 803 -23.25 -11.26 31.40
C MET A 803 -22.31 -11.05 32.60
N ASN A 804 -21.01 -11.01 32.36
CA ASN A 804 -20.10 -10.68 33.44
C ASN A 804 -20.28 -9.21 33.82
N ASN A 805 -21.19 -8.97 34.74
CA ASN A 805 -21.42 -7.66 35.32
C ASN A 805 -22.09 -6.75 34.28
N ALA A 806 -23.37 -6.45 34.49
CA ALA A 806 -24.20 -5.72 33.53
C ALA A 806 -25.46 -5.24 34.32
N LEU A 807 -26.66 -4.93 33.78
CA LEU A 807 -27.33 -5.43 32.58
C LEU A 807 -28.30 -4.43 31.97
N TRP A 808 -29.47 -4.92 31.59
CA TRP A 808 -30.45 -4.07 30.91
C TRP A 808 -31.65 -3.72 31.74
N LYS A 809 -32.38 -2.75 31.22
CA LYS A 809 -33.60 -2.30 31.86
C LYS A 809 -34.82 -2.98 31.25
N VAL A 810 -34.59 -3.73 30.17
CA VAL A 810 -35.61 -4.50 29.44
C VAL A 810 -36.89 -3.73 29.11
N THR A 811 -36.99 -3.25 27.88
CA THR A 811 -38.12 -2.42 27.46
C THR A 811 -39.14 -3.17 26.61
N GLY A 812 -38.90 -4.45 26.40
CA GLY A 812 -39.81 -5.25 25.59
C GLY A 812 -39.77 -6.73 25.87
N ASN A 813 -40.77 -7.44 25.35
CA ASN A 813 -40.82 -8.90 25.43
C ASN A 813 -39.63 -9.55 24.76
N SER A 814 -38.74 -10.12 25.56
CA SER A 814 -37.53 -10.76 25.02
C SER A 814 -37.62 -12.28 25.17
N GLU A 815 -37.55 -13.00 24.05
CA GLU A 815 -37.46 -14.47 24.11
C GLU A 815 -36.07 -14.92 23.66
N LEU A 816 -35.19 -15.05 24.65
CA LEU A 816 -33.79 -15.39 24.44
C LEU A 816 -33.52 -16.87 24.66
N LYS A 817 -32.59 -17.44 23.90
CA LYS A 817 -32.25 -18.85 24.07
C LYS A 817 -31.53 -19.10 25.39
N LYS A 818 -30.22 -18.81 25.44
CA LYS A 818 -29.42 -19.16 26.61
C LYS A 818 -28.88 -17.92 27.33
N LEU A 819 -28.58 -18.08 28.62
CA LEU A 819 -28.18 -16.94 29.44
C LEU A 819 -27.29 -17.36 30.61
N ASN A 820 -26.15 -16.67 30.74
CA ASN A 820 -25.25 -16.86 31.88
C ASN A 820 -24.87 -15.53 32.48
N SER A 821 -25.26 -15.30 33.73
CA SER A 821 -25.03 -14.00 34.34
C SER A 821 -24.17 -14.04 35.60
N THR A 822 -22.91 -14.43 35.45
CA THR A 822 -21.95 -14.29 36.53
C THR A 822 -21.74 -12.80 36.81
N GLY A 823 -22.59 -12.24 37.67
CA GLY A 823 -22.45 -10.85 38.05
C GLY A 823 -23.75 -10.07 38.04
N SER A 824 -23.63 -8.75 38.18
CA SER A 824 -24.79 -7.86 38.24
C SER A 824 -25.68 -8.03 37.01
N MET A 825 -26.99 -7.83 37.19
CA MET A 825 -27.92 -8.18 36.12
C MET A 825 -29.24 -7.40 36.06
N VAL A 826 -30.20 -7.99 35.36
CA VAL A 826 -31.35 -7.30 34.75
C VAL A 826 -32.38 -6.68 35.70
N LEU A 827 -32.97 -5.57 35.24
CA LEU A 827 -34.20 -5.04 35.82
C LEU A 827 -35.22 -4.78 34.72
N PHE A 828 -36.45 -4.43 35.10
CA PHE A 828 -37.51 -4.11 34.13
C PHE A 828 -37.83 -2.63 34.07
N ASN A 829 -38.19 -2.16 32.87
CA ASN A 829 -38.48 -0.76 32.62
C ASN A 829 -38.90 -0.57 31.16
N GLY A 830 -40.02 0.08 30.91
CA GLY A 830 -40.84 0.67 31.95
C GLY A 830 -42.09 1.29 31.35
N GLY A 831 -42.69 0.59 30.40
CA GLY A 831 -43.94 1.03 29.81
C GLY A 831 -45.04 1.31 30.83
N LYS A 832 -45.83 2.34 30.57
CA LYS A 832 -46.89 2.77 31.48
C LYS A 832 -47.90 1.67 31.76
N ASN A 833 -47.66 0.95 32.85
CA ASN A 833 -48.45 -0.23 33.20
C ASN A 833 -48.41 -1.25 32.06
N ILE A 834 -47.28 -1.29 31.35
CA ILE A 834 -47.08 -2.23 30.27
C ILE A 834 -46.01 -3.24 30.66
N PHE A 835 -46.45 -4.44 31.00
CA PHE A 835 -45.59 -5.45 31.60
C PHE A 835 -45.10 -6.47 30.57
N ASN A 836 -43.89 -6.97 30.77
CA ASN A 836 -43.24 -7.81 29.75
C ASN A 836 -42.68 -9.12 30.29
N THR A 837 -42.46 -10.08 29.40
CA THR A 837 -41.92 -11.38 29.79
C THR A 837 -40.54 -11.68 29.16
N LEU A 838 -39.58 -12.00 30.02
CA LEU A 838 -38.31 -12.58 29.61
C LEU A 838 -38.50 -14.09 29.59
N THR A 839 -37.80 -14.76 28.69
CA THR A 839 -37.93 -16.18 28.52
C THR A 839 -36.69 -16.98 28.03
N VAL A 840 -35.86 -17.47 28.94
CA VAL A 840 -34.65 -18.29 28.62
C VAL A 840 -34.78 -19.84 28.54
N ASP A 841 -33.69 -20.53 28.18
CA ASP A 841 -33.63 -22.00 27.95
C ASP A 841 -32.37 -22.64 28.47
N GLU A 842 -31.74 -21.97 29.40
CA GLU A 842 -30.62 -22.50 30.11
C GLU A 842 -30.09 -21.35 30.91
N LEU A 843 -30.95 -20.80 31.73
CA LEU A 843 -30.61 -19.65 32.58
C LEU A 843 -29.77 -20.06 33.78
N THR A 844 -28.45 -19.97 33.63
CA THR A 844 -27.53 -20.38 34.67
C THR A 844 -26.97 -19.17 35.43
N THR A 845 -27.84 -18.34 35.98
CA THR A 845 -27.40 -17.12 36.66
C THR A 845 -26.63 -17.44 37.94
N SER A 846 -25.37 -17.02 37.97
CA SER A 846 -24.48 -17.36 39.08
C SER A 846 -24.43 -16.28 40.15
N ASN A 847 -25.26 -15.25 40.02
CA ASN A 847 -25.36 -14.22 41.06
C ASN A 847 -26.53 -13.25 40.89
N SER A 848 -26.34 -12.06 41.44
CA SER A 848 -27.42 -11.15 41.83
C SER A 848 -28.31 -10.60 40.72
N ALA A 849 -29.34 -9.88 41.17
CA ALA A 849 -30.12 -8.95 40.35
C ALA A 849 -31.19 -9.57 39.45
N PHE A 850 -32.43 -9.15 39.68
CA PHE A 850 -33.60 -9.54 38.88
C PHE A 850 -34.83 -8.74 39.29
N VAL A 851 -34.74 -7.40 39.23
CA VAL A 851 -35.81 -6.53 39.72
C VAL A 851 -36.99 -6.46 38.77
N MET A 852 -38.14 -6.96 39.22
CA MET A 852 -39.35 -7.03 38.40
C MET A 852 -40.43 -6.08 38.91
N ARG A 853 -41.39 -5.75 38.05
CA ARG A 853 -42.41 -4.78 38.43
C ARG A 853 -43.82 -5.39 38.47
N THR A 854 -44.70 -4.71 39.19
CA THR A 854 -46.14 -4.98 39.18
C THR A 854 -46.84 -3.83 39.92
N ASN A 855 -48.09 -3.59 39.58
CA ASN A 855 -48.87 -2.60 40.33
C ASN A 855 -49.54 -3.25 41.56
N THR A 856 -50.21 -4.38 41.35
CA THR A 856 -50.80 -5.18 42.45
C THR A 856 -51.50 -6.43 41.94
N GLN A 857 -52.46 -6.24 41.05
CA GLN A 857 -53.33 -7.33 40.60
C GLN A 857 -52.94 -7.75 39.18
N GLN A 858 -51.93 -7.08 38.64
CA GLN A 858 -51.45 -7.37 37.29
C GLN A 858 -49.93 -7.45 37.25
N ALA A 859 -49.40 -8.65 37.07
CA ALA A 859 -47.96 -8.86 37.08
C ALA A 859 -47.48 -9.66 35.88
N ASP A 860 -46.19 -9.53 35.58
CA ASP A 860 -45.61 -10.15 34.40
C ASP A 860 -44.58 -11.23 34.72
N GLN A 861 -43.86 -11.62 33.68
CA GLN A 861 -42.66 -12.45 33.76
C GLN A 861 -42.94 -13.92 34.11
N LEU A 862 -42.69 -14.78 33.12
CA LEU A 862 -42.63 -16.23 33.30
C LEU A 862 -41.32 -16.71 32.66
N ILE A 863 -40.25 -16.73 33.44
CA ILE A 863 -38.90 -16.87 32.90
C ILE A 863 -38.52 -18.27 32.39
N VAL A 864 -37.51 -18.84 33.04
CA VAL A 864 -36.71 -19.93 32.50
C VAL A 864 -37.52 -21.21 32.27
N LYS A 865 -37.39 -21.75 31.06
CA LYS A 865 -38.20 -22.88 30.63
C LYS A 865 -37.54 -24.23 30.90
N ASN A 866 -36.22 -24.30 30.72
CA ASN A 866 -35.51 -25.57 30.85
C ASN A 866 -34.38 -25.56 31.90
N LYS A 867 -34.57 -24.77 32.95
CA LYS A 867 -33.85 -24.92 34.21
C LYS A 867 -32.32 -24.76 34.17
N LEU A 868 -31.66 -25.45 35.09
CA LEU A 868 -30.24 -25.29 35.37
C LEU A 868 -29.90 -23.85 35.75
N GLU A 869 -29.84 -23.59 37.05
CA GLU A 869 -29.53 -22.25 37.55
C GLU A 869 -28.24 -22.27 38.38
N GLY A 870 -27.97 -21.19 39.11
CA GLY A 870 -26.70 -21.03 39.80
C GLY A 870 -26.76 -20.65 41.27
N ALA A 871 -25.60 -20.32 41.83
CA ALA A 871 -25.48 -20.02 43.27
C ALA A 871 -25.69 -18.53 43.57
N ASN A 872 -26.20 -18.26 44.78
CA ASN A 872 -26.52 -16.92 45.30
C ASN A 872 -27.77 -16.28 44.70
N ASN A 873 -27.57 -15.43 43.69
CA ASN A 873 -28.67 -14.73 43.00
C ASN A 873 -29.49 -13.80 43.91
N LEU A 874 -30.50 -13.17 43.32
CA LEU A 874 -31.34 -12.21 44.02
C LEU A 874 -32.62 -11.86 43.25
N LEU A 875 -33.69 -12.62 43.46
CA LEU A 875 -34.95 -12.35 42.78
C LEU A 875 -35.80 -11.36 43.56
N LEU A 876 -35.80 -10.06 43.16
CA LEU A 876 -36.59 -8.87 43.73
C LEU A 876 -37.94 -8.22 43.08
N VAL A 877 -38.28 -6.89 43.25
CA VAL A 877 -39.60 -6.23 42.82
C VAL A 877 -39.99 -4.68 42.98
N ASP A 878 -40.96 -4.10 42.22
CA ASP A 878 -41.67 -2.78 42.59
C ASP A 878 -42.82 -1.99 41.77
N PHE A 879 -43.45 -0.94 42.39
CA PHE A 879 -44.91 -0.63 42.41
C PHE A 879 -45.60 0.72 42.01
N ILE A 880 -46.89 0.90 42.40
CA ILE A 880 -47.65 2.13 42.24
C ILE A 880 -48.98 2.07 43.02
N GLU A 881 -49.07 1.21 44.02
CA GLU A 881 -50.25 1.15 44.88
C GLU A 881 -49.88 1.44 46.34
N LYS A 882 -50.54 2.44 46.91
CA LYS A 882 -50.20 2.93 48.24
C LYS A 882 -50.79 2.06 49.36
N LYS A 883 -50.26 0.85 49.51
CA LYS A 883 -50.63 -0.06 50.59
C LYS A 883 -49.90 0.32 51.88
N GLY A 884 -50.54 1.14 52.71
CA GLY A 884 -49.95 1.62 53.94
C GLY A 884 -49.57 0.51 54.91
N ASN A 885 -50.01 -0.71 54.60
CA ASN A 885 -49.61 -1.89 55.35
C ASN A 885 -49.42 -3.07 54.40
N ASP A 886 -49.52 -4.28 54.92
CA ASP A 886 -49.35 -5.47 54.09
C ASP A 886 -50.51 -5.68 53.13
N LYS A 887 -50.39 -6.69 52.28
CA LYS A 887 -51.43 -7.05 51.33
C LYS A 887 -51.40 -8.55 51.02
N ASN A 888 -51.23 -9.35 52.07
CA ASN A 888 -51.14 -10.81 51.94
C ASN A 888 -52.34 -11.41 51.21
N LEU A 890 -51.68 -10.15 45.22
CA LEU A 890 -51.96 -11.32 46.04
C LEU A 890 -51.23 -12.56 45.52
N ASN A 891 -51.77 -13.15 44.46
CA ASN A 891 -51.17 -14.32 43.84
C ASN A 891 -50.75 -14.05 42.39
N ILE A 892 -49.45 -13.80 42.20
CA ILE A 892 -48.90 -13.50 40.88
C ILE A 892 -47.47 -14.03 40.74
N ASP A 893 -47.30 -15.02 39.86
CA ASP A 893 -46.04 -15.75 39.74
C ASP A 893 -44.92 -14.89 39.15
N LEU A 894 -43.69 -15.35 39.30
CA LEU A 894 -42.56 -14.57 38.81
C LEU A 894 -41.60 -15.40 37.94
N VAL A 895 -41.65 -16.72 38.04
CA VAL A 895 -40.94 -17.58 37.09
C VAL A 895 -41.77 -18.81 36.71
N LYS A 896 -41.17 -19.69 35.91
CA LYS A 896 -41.83 -20.92 35.45
C LYS A 896 -40.84 -22.01 35.04
N ALA A 897 -40.03 -22.46 35.99
CA ALA A 897 -39.07 -23.55 35.75
C ALA A 897 -39.56 -24.86 36.36
N PRO A 898 -40.06 -25.77 35.50
CA PRO A 898 -40.66 -27.05 35.90
C PRO A 898 -39.72 -27.98 36.68
N GLU A 899 -40.22 -28.51 37.80
CA GLU A 899 -39.50 -29.44 38.68
C GLU A 899 -38.21 -28.84 39.26
N ASN A 900 -37.38 -28.30 38.37
CA ASN A 900 -36.16 -27.57 38.74
C ASN A 900 -35.08 -28.45 39.36
N THR A 901 -33.82 -28.11 39.07
CA THR A 901 -32.67 -28.80 39.63
C THR A 901 -32.68 -28.63 41.14
N SER A 902 -32.79 -27.39 41.60
CA SER A 902 -32.89 -27.10 43.01
C SER A 902 -33.86 -25.96 43.28
N LYS A 903 -33.56 -25.18 44.31
CA LYS A 903 -34.46 -24.13 44.77
C LYS A 903 -33.66 -22.96 45.31
N ASP A 904 -32.57 -23.27 46.00
CA ASP A 904 -31.68 -22.25 46.56
C ASP A 904 -30.88 -21.55 45.46
N VAL A 905 -31.55 -21.24 44.36
CA VAL A 905 -30.94 -20.50 43.26
C VAL A 905 -31.41 -19.05 43.30
N PHE A 906 -32.00 -18.68 44.44
CA PHE A 906 -32.32 -17.30 44.78
C PHE A 906 -32.29 -17.15 46.30
N LYS A 907 -31.14 -17.50 46.89
CA LYS A 907 -30.97 -17.66 48.35
C LYS A 907 -31.55 -16.51 49.19
N THR A 908 -31.91 -16.84 50.43
CA THR A 908 -32.55 -15.90 51.34
C THR A 908 -31.56 -14.89 51.95
N GLU A 909 -31.56 -13.69 51.39
CA GLU A 909 -30.74 -12.59 51.88
C GLU A 909 -31.63 -11.49 52.46
N THR A 910 -31.69 -11.40 53.78
CA THR A 910 -32.54 -10.41 54.44
C THR A 910 -31.90 -9.02 54.44
N GLN A 911 -31.70 -8.47 53.24
CA GLN A 911 -31.20 -7.12 53.06
C GLN A 911 -31.64 -6.56 51.71
N THR A 912 -32.89 -6.13 51.63
CA THR A 912 -33.46 -5.63 50.39
C THR A 912 -33.90 -4.18 50.52
N ILE A 913 -33.15 -3.29 49.86
CA ILE A 913 -33.52 -1.88 49.81
C ILE A 913 -34.75 -1.69 48.94
N GLY A 914 -34.74 -2.34 47.78
CA GLY A 914 -35.84 -2.25 46.83
C GLY A 914 -36.03 -0.85 46.29
N PHE A 915 -37.26 -0.53 45.91
CA PHE A 915 -37.58 0.82 45.47
C PHE A 915 -38.04 1.65 46.67
N SER A 916 -39.35 1.71 46.88
CA SER A 916 -39.90 2.44 48.00
C SER A 916 -39.76 1.66 49.30
N ASP A 917 -40.67 1.90 50.24
CA ASP A 917 -40.64 1.23 51.52
C ASP A 917 -41.55 0.01 51.55
N VAL A 918 -41.80 -0.57 50.38
CA VAL A 918 -42.68 -1.72 50.27
C VAL A 918 -41.92 -2.99 49.95
N THR A 919 -41.85 -3.91 50.91
CA THR A 919 -41.10 -5.14 50.73
C THR A 919 -41.96 -6.38 50.96
N PRO A 920 -42.48 -6.97 49.86
CA PRO A 920 -43.23 -8.23 49.92
C PRO A 920 -42.28 -9.42 49.94
N GLU A 921 -42.81 -10.62 50.15
CA GLU A 921 -41.98 -11.82 50.13
C GLU A 921 -42.39 -12.76 49.00
N ILE A 922 -42.09 -14.05 49.14
CA ILE A 922 -42.17 -14.99 48.02
C ILE A 922 -42.70 -16.36 48.37
N LYS A 923 -42.31 -17.37 47.60
CA LYS A 923 -42.68 -18.75 47.84
C LYS A 923 -41.54 -19.70 47.45
N GLN A 924 -41.87 -21.00 47.35
CA GLN A 924 -40.91 -22.02 46.96
C GLN A 924 -41.42 -22.84 45.78
N GLN A 925 -42.70 -23.18 45.80
CA GLN A 925 -43.28 -23.98 44.72
C GLN A 925 -44.80 -23.82 44.69
N GLU A 926 -45.41 -24.09 43.55
CA GLU A 926 -46.87 -24.06 43.43
C GLU A 926 -47.38 -24.97 42.32
N LYS A 927 -47.94 -24.36 41.27
CA LYS A 927 -48.56 -25.10 40.17
C LYS A 927 -47.60 -26.12 39.57
N ASP A 928 -47.99 -27.39 39.62
CA ASP A 928 -47.15 -28.53 39.23
C ASP A 928 -45.68 -28.36 39.56
N GLY A 929 -44.82 -28.80 38.65
CA GLY A 929 -43.38 -28.74 38.85
C GLY A 929 -42.79 -27.36 38.67
N LYS A 930 -43.52 -26.47 37.99
CA LYS A 930 -43.07 -25.10 37.80
C LYS A 930 -42.91 -24.40 39.15
N SER A 931 -41.66 -24.33 39.61
CA SER A 931 -41.35 -23.71 40.90
C SER A 931 -41.44 -22.20 40.81
N VAL A 932 -42.62 -21.65 41.08
CA VAL A 932 -42.82 -20.21 40.94
C VAL A 932 -42.45 -19.43 42.19
N TRP A 933 -42.65 -18.12 42.14
CA TRP A 933 -42.42 -17.21 43.25
C TRP A 933 -43.66 -16.31 43.42
N THR A 934 -44.09 -16.05 44.66
CA THR A 934 -45.28 -15.21 44.88
C THR A 934 -44.99 -13.92 45.65
N LEU A 935 -45.99 -13.37 46.34
CA LEU A 935 -45.87 -12.07 47.02
C LEU A 935 -46.54 -11.97 48.39
N THR A 936 -46.06 -11.03 49.20
CA THR A 936 -46.68 -10.72 50.50
C THR A 936 -46.85 -9.21 50.72
N GLY A 937 -46.37 -8.72 51.85
CA GLY A 937 -46.77 -7.41 52.36
C GLY A 937 -45.88 -6.20 52.17
N TYR A 938 -45.46 -5.59 53.27
CA TYR A 938 -44.64 -4.40 53.20
C TYR A 938 -44.01 -4.10 54.55
N LYS A 939 -42.99 -3.26 54.53
CA LYS A 939 -42.27 -2.90 55.73
C LYS A 939 -41.88 -1.45 55.78
N THR A 940 -40.90 -1.13 56.61
CA THR A 940 -40.47 0.23 56.72
C THR A 940 -39.00 0.35 57.15
N VAL A 941 -38.21 0.98 56.30
CA VAL A 941 -36.81 1.23 56.56
C VAL A 941 -36.47 2.66 56.25
N ASN A 943 -25.15 7.99 44.02
CA ASN A 943 -24.00 7.82 44.91
C ASN A 943 -24.42 7.22 46.25
N ALA A 944 -25.69 6.85 46.34
CA ALA A 944 -26.23 6.17 47.52
C ALA A 944 -27.09 4.98 47.11
N ASP A 945 -26.63 4.27 46.08
CA ASP A 945 -27.34 3.10 45.55
C ASP A 945 -27.44 2.00 46.61
N TYR A 958 -27.02 1.20 41.04
CA TYR A 958 -27.76 0.04 41.55
C TYR A 958 -26.84 -0.97 42.21
N LYS A 959 -25.70 -1.21 41.58
CA LYS A 959 -24.72 -2.19 42.05
C LYS A 959 -24.28 -1.95 43.49
N ALA A 960 -25.22 -2.12 44.42
CA ALA A 960 -24.91 -2.06 45.84
C ALA A 960 -24.94 -3.47 46.42
N PHE A 961 -24.92 -4.46 45.52
CA PHE A 961 -25.04 -5.86 45.91
C PHE A 961 -24.12 -6.78 45.10
N LEU A 962 -22.91 -6.32 44.81
CA LEU A 962 -21.95 -7.16 44.08
C LEU A 962 -21.36 -8.23 45.00
N ALA A 963 -20.92 -7.80 46.17
CA ALA A 963 -20.40 -8.70 47.19
C ALA A 963 -21.44 -8.98 48.26
N GLU A 964 -22.51 -9.68 47.88
CA GLU A 964 -23.59 -10.00 48.82
C GLU A 964 -23.55 -11.46 49.23
#